data_6YI2
#
_entry.id   6YI2
#
_entity_poly.entity_id   1
_entity_poly.type   'polypeptide(L)'
_entity_poly.pdbx_seq_one_letter_code
;RLRATVSRPVSHQRMGTPMVENDSGYKLGQRVRHAKFGEGTIVNMEGSGEHSRLQVAFQGQGIKWLVAAYARLESV
;
_entity_poly.pdbx_strand_id   A
#
# COMPACT_ATOMS: atom_id res chain seq x y z
N ARG A 1 -19.07 23.30 7.76
CA ARG A 1 -20.09 23.66 6.75
C ARG A 1 -20.79 22.41 6.20
N LEU A 2 -20.92 21.39 7.04
CA LEU A 2 -21.61 20.15 6.70
C LEU A 2 -21.03 19.55 5.41
N ARG A 3 -19.72 19.37 5.37
CA ARG A 3 -19.06 18.82 4.20
C ARG A 3 -19.40 17.34 4.05
N ALA A 4 -19.60 16.90 2.81
CA ALA A 4 -19.96 15.51 2.55
C ALA A 4 -18.72 14.65 2.39
N THR A 5 -18.09 14.32 3.51
CA THR A 5 -16.91 13.49 3.50
C THR A 5 -17.25 12.10 4.05
N VAL A 6 -16.26 11.23 4.11
CA VAL A 6 -16.46 9.87 4.59
C VAL A 6 -16.73 9.88 6.10
N SER A 7 -17.71 9.08 6.53
CA SER A 7 -18.05 8.99 7.93
C SER A 7 -17.17 7.94 8.62
N ARG A 8 -16.49 7.15 7.81
CA ARG A 8 -15.53 6.18 8.32
C ARG A 8 -14.23 6.90 8.68
N PRO A 9 -13.66 6.65 9.86
CA PRO A 9 -12.39 7.26 10.29
C PRO A 9 -11.20 6.72 9.51
N VAL A 10 -11.16 7.01 8.23
CA VAL A 10 -10.09 6.58 7.36
C VAL A 10 -9.69 7.69 6.41
N SER A 11 -8.39 7.86 6.21
CA SER A 11 -7.87 8.83 5.28
C SER A 11 -8.20 8.41 3.86
N HIS A 12 -8.83 9.29 3.08
CA HIS A 12 -9.22 8.95 1.72
C HIS A 12 -7.98 8.78 0.85
N GLN A 13 -7.62 7.53 0.61
CA GLN A 13 -6.46 7.22 -0.20
C GLN A 13 -6.89 6.70 -1.55
N ARG A 14 -6.21 7.15 -2.60
CA ARG A 14 -6.54 6.77 -3.96
C ARG A 14 -5.44 7.25 -4.89
N MET A 15 -5.42 6.72 -6.10
CA MET A 15 -4.43 7.11 -7.09
C MET A 15 -4.74 8.49 -7.64
N GLY A 16 -4.10 9.49 -7.07
CA GLY A 16 -4.39 10.87 -7.45
C GLY A 16 -4.51 11.77 -6.23
N THR A 17 -4.13 11.25 -5.07
CA THR A 17 -4.15 12.04 -3.85
C THR A 17 -3.02 13.06 -3.84
N PRO A 18 -3.26 14.25 -3.26
CA PRO A 18 -2.25 15.32 -3.15
C PRO A 18 -1.18 15.00 -2.10
N MET A 19 -0.62 13.81 -2.18
CA MET A 19 0.42 13.37 -1.27
C MET A 19 1.78 13.68 -1.84
N VAL A 20 2.61 14.36 -1.06
CA VAL A 20 3.95 14.72 -1.49
C VAL A 20 4.79 13.46 -1.68
N GLU A 21 5.39 13.34 -2.87
CA GLU A 21 6.16 12.16 -3.23
C GLU A 21 5.28 10.91 -3.20
N ASN A 22 4.10 11.03 -3.80
CA ASN A 22 3.18 9.90 -3.91
C ASN A 22 3.77 8.83 -4.81
N ASP A 23 3.48 7.57 -4.49
CA ASP A 23 4.05 6.46 -5.22
C ASP A 23 3.27 6.22 -6.51
N SER A 24 3.96 5.66 -7.49
CA SER A 24 3.34 5.23 -8.73
C SER A 24 3.39 3.71 -8.80
N GLY A 25 3.35 3.09 -7.64
CA GLY A 25 3.53 1.67 -7.52
C GLY A 25 4.31 1.32 -6.28
N TYR A 26 3.76 0.44 -5.47
CA TYR A 26 4.36 0.07 -4.20
C TYR A 26 5.67 -0.68 -4.41
N LYS A 27 6.62 -0.44 -3.51
CA LYS A 27 7.96 -1.00 -3.63
C LYS A 27 8.15 -2.12 -2.60
N LEU A 28 9.01 -3.08 -2.93
CA LEU A 28 9.22 -4.22 -2.07
C LEU A 28 10.07 -3.86 -0.87
N GLY A 29 9.66 -4.34 0.30
CA GLY A 29 10.38 -4.03 1.53
C GLY A 29 9.75 -2.88 2.27
N GLN A 30 8.70 -2.29 1.69
CA GLN A 30 8.00 -1.19 2.31
C GLN A 30 7.04 -1.70 3.38
N ARG A 31 6.90 -0.92 4.43
CA ARG A 31 6.04 -1.28 5.55
C ARG A 31 4.70 -0.59 5.38
N VAL A 32 3.62 -1.36 5.41
CA VAL A 32 2.29 -0.80 5.18
C VAL A 32 1.40 -0.95 6.39
N ARG A 33 0.33 -0.17 6.41
CA ARG A 33 -0.59 -0.14 7.53
C ARG A 33 -2.02 -0.10 7.03
N HIS A 34 -2.84 -1.03 7.50
CA HIS A 34 -4.26 -1.07 7.12
C HIS A 34 -5.10 -1.61 8.26
N ALA A 35 -6.19 -0.92 8.57
CA ALA A 35 -7.05 -1.29 9.69
C ALA A 35 -7.75 -2.64 9.45
N LYS A 36 -7.71 -3.10 8.21
CA LYS A 36 -8.36 -4.36 7.85
C LYS A 36 -7.49 -5.56 8.16
N PHE A 37 -6.19 -5.43 7.94
CA PHE A 37 -5.29 -6.57 8.04
C PHE A 37 -4.16 -6.32 9.02
N GLY A 38 -3.99 -5.08 9.44
CA GLY A 38 -2.88 -4.72 10.29
C GLY A 38 -1.75 -4.11 9.50
N GLU A 39 -0.54 -4.24 10.00
CA GLU A 39 0.63 -3.72 9.31
C GLU A 39 1.39 -4.87 8.67
N GLY A 40 2.02 -4.62 7.54
CA GLY A 40 2.70 -5.68 6.86
C GLY A 40 3.86 -5.19 6.05
N THR A 41 4.63 -6.11 5.50
CA THR A 41 5.73 -5.77 4.64
C THR A 41 5.51 -6.33 3.24
N ILE A 42 5.54 -5.47 2.24
CA ILE A 42 5.33 -5.90 0.86
C ILE A 42 6.54 -6.67 0.37
N VAL A 43 6.41 -7.98 0.28
CA VAL A 43 7.53 -8.84 -0.07
C VAL A 43 7.54 -9.14 -1.57
N ASN A 44 6.38 -9.04 -2.20
CA ASN A 44 6.27 -9.32 -3.62
C ASN A 44 5.14 -8.51 -4.24
N MET A 45 5.12 -8.44 -5.56
CA MET A 45 4.08 -7.71 -6.28
C MET A 45 3.93 -8.31 -7.67
N GLU A 46 2.77 -8.12 -8.27
CA GLU A 46 2.49 -8.66 -9.60
C GLU A 46 2.04 -7.56 -10.54
N GLY A 47 2.74 -7.41 -11.65
CA GLY A 47 2.37 -6.41 -12.64
C GLY A 47 2.61 -4.99 -12.15
N SER A 48 1.96 -4.03 -12.81
CA SER A 48 2.07 -2.63 -12.43
C SER A 48 0.80 -1.88 -12.81
N GLY A 49 0.56 -0.76 -12.15
CA GLY A 49 -0.60 0.04 -12.45
C GLY A 49 -1.81 -0.37 -11.64
N GLU A 50 -2.99 -0.32 -12.27
CA GLU A 50 -4.22 -0.65 -11.58
C GLU A 50 -4.34 -2.15 -11.36
N HIS A 51 -3.77 -2.92 -12.28
CA HIS A 51 -3.87 -4.37 -12.24
C HIS A 51 -2.69 -4.96 -11.48
N SER A 52 -2.00 -4.11 -10.73
CA SER A 52 -0.89 -4.55 -9.91
C SER A 52 -1.42 -5.13 -8.61
N ARG A 53 -0.95 -6.32 -8.26
CA ARG A 53 -1.35 -6.94 -7.00
C ARG A 53 -0.14 -7.05 -6.11
N LEU A 54 -0.30 -6.67 -4.85
CA LEU A 54 0.82 -6.69 -3.93
C LEU A 54 0.68 -7.84 -2.96
N GLN A 55 1.75 -8.60 -2.80
CA GLN A 55 1.77 -9.67 -1.83
C GLN A 55 2.41 -9.17 -0.55
N VAL A 56 1.56 -8.85 0.40
CA VAL A 56 1.99 -8.21 1.63
C VAL A 56 2.05 -9.22 2.77
N ALA A 57 3.21 -9.32 3.40
CA ALA A 57 3.39 -10.20 4.53
C ALA A 57 2.95 -9.50 5.81
N PHE A 58 1.71 -9.73 6.20
CA PHE A 58 1.20 -9.17 7.45
C PHE A 58 1.70 -9.99 8.62
N GLN A 59 2.38 -9.33 9.53
CA GLN A 59 3.03 -10.00 10.65
C GLN A 59 2.01 -10.58 11.63
N GLY A 60 0.76 -10.16 11.49
CA GLY A 60 -0.29 -10.65 12.34
C GLY A 60 -1.14 -11.72 11.67
N GLN A 61 -0.70 -12.17 10.50
CA GLN A 61 -1.43 -13.21 9.79
C GLN A 61 -0.52 -13.93 8.79
N GLY A 62 -0.25 -13.27 7.67
CA GLY A 62 0.57 -13.87 6.64
C GLY A 62 0.57 -13.06 5.37
N ILE A 63 1.07 -13.64 4.28
CA ILE A 63 1.15 -12.95 3.00
C ILE A 63 -0.21 -12.96 2.30
N LYS A 64 -0.67 -11.77 1.92
CA LYS A 64 -1.95 -11.62 1.25
C LYS A 64 -1.77 -10.86 -0.05
N TRP A 65 -2.75 -11.01 -0.94
CA TRP A 65 -2.74 -10.32 -2.22
C TRP A 65 -3.65 -9.10 -2.18
N LEU A 66 -3.06 -7.93 -2.33
CA LEU A 66 -3.81 -6.68 -2.31
C LEU A 66 -3.69 -5.97 -3.66
N VAL A 67 -4.80 -5.85 -4.38
CA VAL A 67 -4.81 -5.14 -5.65
C VAL A 67 -4.48 -3.67 -5.42
N ALA A 68 -3.29 -3.26 -5.86
CA ALA A 68 -2.71 -1.96 -5.52
C ALA A 68 -3.70 -0.80 -5.63
N ALA A 69 -4.50 -0.78 -6.69
CA ALA A 69 -5.44 0.31 -6.92
C ALA A 69 -6.51 0.39 -5.83
N TYR A 70 -6.94 -0.77 -5.34
CA TYR A 70 -8.00 -0.82 -4.34
C TYR A 70 -7.41 -1.09 -2.96
N ALA A 71 -6.14 -1.43 -2.93
CA ALA A 71 -5.43 -1.70 -1.69
C ALA A 71 -5.30 -0.43 -0.89
N ARG A 72 -4.59 0.55 -1.47
CA ARG A 72 -4.45 1.86 -0.86
C ARG A 72 -3.90 1.75 0.56
N LEU A 73 -2.64 1.32 0.64
CA LEU A 73 -1.98 1.10 1.91
C LEU A 73 -1.29 2.38 2.36
N GLU A 74 -1.27 2.61 3.66
CA GLU A 74 -0.57 3.74 4.22
C GLU A 74 0.81 3.29 4.70
N SER A 75 1.83 4.06 4.38
CA SER A 75 3.18 3.71 4.75
C SER A 75 3.41 3.99 6.24
N VAL A 76 3.92 3.00 6.96
CA VAL A 76 4.22 3.17 8.37
C VAL A 76 5.38 4.15 8.54
N ARG A 1 2.80 8.61 8.48
CA ARG A 1 3.06 9.58 7.41
C ARG A 1 3.11 11.00 7.97
N LEU A 2 3.69 11.92 7.21
CA LEU A 2 3.91 13.28 7.69
C LEU A 2 3.27 14.30 6.76
N ARG A 3 2.15 14.88 7.18
CA ARG A 3 1.48 15.92 6.40
C ARG A 3 2.11 17.27 6.66
N ALA A 4 2.19 17.64 7.92
CA ALA A 4 2.80 18.90 8.34
C ALA A 4 3.44 18.71 9.70
N THR A 5 4.32 17.72 9.79
CA THR A 5 4.92 17.34 11.04
C THR A 5 6.18 18.15 11.33
N VAL A 6 6.07 19.09 12.25
CA VAL A 6 7.18 19.93 12.72
C VAL A 6 7.62 20.93 11.65
N SER A 7 8.28 20.46 10.61
CA SER A 7 8.80 21.34 9.58
C SER A 7 8.99 20.59 8.27
N ARG A 8 8.61 21.25 7.18
CA ARG A 8 8.80 20.73 5.84
C ARG A 8 8.67 21.87 4.83
N PRO A 9 9.45 21.82 3.74
CA PRO A 9 9.42 22.85 2.69
C PRO A 9 8.01 23.12 2.18
N VAL A 10 7.51 24.32 2.49
CA VAL A 10 6.15 24.73 2.13
C VAL A 10 5.12 23.75 2.70
N SER A 11 4.84 23.90 3.99
CA SER A 11 3.85 23.08 4.63
C SER A 11 2.46 23.56 4.24
N HIS A 12 1.60 22.64 3.85
CA HIS A 12 0.26 23.00 3.41
C HIS A 12 -0.74 22.77 4.53
N GLN A 13 -1.13 23.85 5.19
CA GLN A 13 -2.07 23.78 6.31
C GLN A 13 -3.48 23.51 5.80
N ARG A 14 -3.82 24.14 4.69
CA ARG A 14 -5.15 24.01 4.13
C ARG A 14 -5.07 23.33 2.77
N MET A 15 -4.08 22.46 2.61
CA MET A 15 -3.87 21.70 1.38
C MET A 15 -3.60 22.63 0.21
N GLY A 16 -3.74 22.12 -1.00
CA GLY A 16 -3.50 22.93 -2.18
C GLY A 16 -3.02 22.10 -3.36
N THR A 17 -2.28 21.05 -3.06
CA THR A 17 -1.73 20.17 -4.09
C THR A 17 -2.72 19.06 -4.45
N PRO A 18 -3.03 18.89 -5.74
CA PRO A 18 -3.96 17.87 -6.21
C PRO A 18 -3.39 16.46 -6.02
N MET A 19 -4.01 15.69 -5.15
CA MET A 19 -3.57 14.33 -4.85
C MET A 19 -4.14 13.37 -5.89
N VAL A 20 -4.03 13.74 -7.15
CA VAL A 20 -4.54 12.94 -8.25
C VAL A 20 -3.56 11.84 -8.62
N GLU A 21 -3.72 10.69 -7.98
CA GLU A 21 -2.80 9.58 -8.16
C GLU A 21 -3.48 8.26 -7.82
N ASN A 22 -3.11 7.22 -8.54
CA ASN A 22 -3.57 5.88 -8.23
C ASN A 22 -2.45 5.14 -7.51
N ASP A 23 -2.46 5.22 -6.18
CA ASP A 23 -1.43 4.63 -5.33
C ASP A 23 -0.13 5.42 -5.44
N SER A 24 0.33 5.92 -4.30
CA SER A 24 1.51 6.78 -4.23
C SER A 24 2.75 6.06 -4.72
N GLY A 25 2.80 4.76 -4.50
CA GLY A 25 3.92 3.97 -4.97
C GLY A 25 4.35 2.93 -3.96
N TYR A 26 4.13 1.67 -4.29
CA TYR A 26 4.53 0.58 -3.43
C TYR A 26 5.88 0.06 -3.85
N LYS A 27 6.67 -0.39 -2.88
CA LYS A 27 7.99 -0.93 -3.15
C LYS A 27 8.23 -2.15 -2.28
N LEU A 28 9.17 -2.98 -2.67
CA LEU A 28 9.48 -4.17 -1.88
C LEU A 28 10.20 -3.77 -0.60
N GLY A 29 9.76 -4.33 0.51
CA GLY A 29 10.30 -3.95 1.79
C GLY A 29 9.58 -2.76 2.38
N GLN A 30 8.49 -2.35 1.72
CA GLN A 30 7.69 -1.23 2.20
C GLN A 30 6.68 -1.70 3.23
N ARG A 31 6.44 -0.89 4.23
CA ARG A 31 5.49 -1.23 5.27
C ARG A 31 4.17 -0.51 5.04
N VAL A 32 3.10 -1.28 5.02
CA VAL A 32 1.77 -0.75 4.76
C VAL A 32 0.86 -0.92 5.96
N ARG A 33 -0.14 -0.05 6.06
CA ARG A 33 -1.12 -0.14 7.12
C ARG A 33 -2.53 -0.15 6.56
N HIS A 34 -3.36 -1.02 7.11
CA HIS A 34 -4.78 -1.03 6.80
C HIS A 34 -5.58 -1.26 8.07
N ALA A 35 -6.72 -0.61 8.20
CA ALA A 35 -7.49 -0.62 9.44
C ALA A 35 -7.70 -2.04 9.99
N LYS A 36 -8.20 -2.93 9.15
CA LYS A 36 -8.63 -4.24 9.61
C LYS A 36 -7.49 -5.26 9.51
N PHE A 37 -6.68 -5.17 8.47
CA PHE A 37 -5.58 -6.12 8.28
C PHE A 37 -4.37 -5.74 9.13
N GLY A 38 -4.40 -4.56 9.69
CA GLY A 38 -3.32 -4.12 10.55
C GLY A 38 -2.20 -3.49 9.75
N GLU A 39 -1.07 -4.14 9.70
CA GLU A 39 0.07 -3.64 8.92
C GLU A 39 0.98 -4.78 8.53
N GLY A 40 1.62 -4.64 7.38
CA GLY A 40 2.52 -5.67 6.91
C GLY A 40 3.59 -5.10 6.02
N THR A 41 4.43 -5.97 5.49
CA THR A 41 5.50 -5.55 4.61
C THR A 41 5.35 -6.18 3.24
N ILE A 42 5.41 -5.36 2.20
CA ILE A 42 5.29 -5.83 0.84
C ILE A 42 6.55 -6.57 0.41
N VAL A 43 6.48 -7.90 0.37
CA VAL A 43 7.63 -8.70 0.03
C VAL A 43 7.72 -8.92 -1.47
N ASN A 44 6.57 -8.88 -2.15
CA ASN A 44 6.53 -9.07 -3.59
C ASN A 44 5.34 -8.33 -4.19
N MET A 45 5.40 -8.12 -5.50
CA MET A 45 4.33 -7.45 -6.21
C MET A 45 4.20 -8.02 -7.62
N GLU A 46 2.99 -8.07 -8.12
CA GLU A 46 2.70 -8.65 -9.41
C GLU A 46 2.06 -7.61 -10.32
N GLY A 47 2.18 -7.80 -11.61
CA GLY A 47 1.64 -6.84 -12.55
C GLY A 47 2.53 -5.64 -12.72
N SER A 48 2.03 -4.61 -13.39
CA SER A 48 2.79 -3.40 -13.61
C SER A 48 1.85 -2.22 -13.88
N GLY A 49 1.60 -1.42 -12.86
CA GLY A 49 0.74 -0.27 -13.02
C GLY A 49 -0.49 -0.32 -12.14
N GLU A 50 -1.63 0.03 -12.71
CA GLU A 50 -2.88 0.11 -11.96
C GLU A 50 -3.30 -1.25 -11.42
N HIS A 51 -3.39 -2.24 -12.31
CA HIS A 51 -3.90 -3.56 -11.93
C HIS A 51 -2.80 -4.45 -11.35
N SER A 52 -1.90 -3.84 -10.58
CA SER A 52 -0.85 -4.58 -9.91
C SER A 52 -1.38 -5.22 -8.63
N ARG A 53 -0.79 -6.34 -8.24
CA ARG A 53 -1.19 -7.02 -7.02
C ARG A 53 -0.01 -7.13 -6.09
N LEU A 54 -0.19 -6.73 -4.84
CA LEU A 54 0.90 -6.75 -3.89
C LEU A 54 0.77 -7.95 -2.97
N GLN A 55 1.88 -8.60 -2.68
CA GLN A 55 1.89 -9.67 -1.70
C GLN A 55 2.49 -9.16 -0.40
N VAL A 56 1.62 -8.90 0.55
CA VAL A 56 2.00 -8.27 1.79
C VAL A 56 2.14 -9.30 2.90
N ALA A 57 3.30 -9.35 3.51
CA ALA A 57 3.54 -10.27 4.62
C ALA A 57 3.04 -9.67 5.93
N PHE A 58 1.81 -10.01 6.29
CA PHE A 58 1.24 -9.56 7.56
C PHE A 58 1.75 -10.48 8.66
N GLN A 59 2.32 -9.88 9.70
CA GLN A 59 2.91 -10.64 10.79
C GLN A 59 1.81 -11.31 11.63
N GLY A 60 0.59 -10.84 11.47
CA GLY A 60 -0.52 -11.39 12.22
C GLY A 60 -1.10 -12.65 11.60
N GLN A 61 -0.69 -12.95 10.36
CA GLN A 61 -1.21 -14.13 9.68
C GLN A 61 -0.23 -14.66 8.64
N GLY A 62 -0.02 -13.91 7.57
CA GLY A 62 0.87 -14.35 6.52
C GLY A 62 0.85 -13.44 5.32
N ILE A 63 1.41 -13.92 4.22
CA ILE A 63 1.48 -13.14 2.99
C ILE A 63 0.15 -13.16 2.24
N LYS A 64 -0.43 -11.99 2.05
CA LYS A 64 -1.72 -11.86 1.40
C LYS A 64 -1.61 -11.14 0.07
N TRP A 65 -2.61 -11.36 -0.77
CA TRP A 65 -2.67 -10.72 -2.07
C TRP A 65 -3.58 -9.50 -2.02
N LEU A 66 -3.01 -8.34 -2.31
CA LEU A 66 -3.76 -7.10 -2.32
C LEU A 66 -3.68 -6.44 -3.70
N VAL A 67 -4.79 -6.45 -4.43
CA VAL A 67 -4.85 -5.78 -5.72
C VAL A 67 -4.74 -4.28 -5.51
N ALA A 68 -3.57 -3.74 -5.85
CA ALA A 68 -3.17 -2.38 -5.49
C ALA A 68 -4.27 -1.34 -5.77
N ALA A 69 -4.84 -1.41 -6.98
CA ALA A 69 -5.84 -0.43 -7.41
C ALA A 69 -7.09 -0.45 -6.53
N TYR A 70 -7.28 -1.52 -5.78
CA TYR A 70 -8.45 -1.64 -4.90
C TYR A 70 -8.01 -1.95 -3.48
N ALA A 71 -6.72 -1.87 -3.24
CA ALA A 71 -6.16 -2.15 -1.93
C ALA A 71 -6.04 -0.88 -1.11
N ARG A 72 -5.39 0.13 -1.71
CA ARG A 72 -5.18 1.41 -1.05
C ARG A 72 -4.52 1.22 0.31
N LEU A 73 -3.23 0.90 0.29
CA LEU A 73 -2.49 0.67 1.51
C LEU A 73 -1.72 1.92 1.94
N GLU A 74 -1.88 2.29 3.20
CA GLU A 74 -1.22 3.47 3.72
C GLU A 74 0.22 3.16 4.08
N SER A 75 1.09 4.13 3.86
CA SER A 75 2.51 3.95 4.14
C SER A 75 2.80 4.20 5.61
N VAL A 76 3.33 3.17 6.28
CA VAL A 76 3.73 3.29 7.67
C VAL A 76 4.91 4.25 7.81
N ARG A 1 3.80 3.13 18.38
CA ARG A 1 3.80 4.42 19.13
C ARG A 1 4.62 4.32 20.40
N LEU A 2 4.31 3.33 21.24
CA LEU A 2 4.96 3.17 22.53
C LEU A 2 6.43 2.78 22.37
N ARG A 3 6.68 1.61 21.78
CA ARG A 3 8.04 1.15 21.58
C ARG A 3 8.57 1.62 20.22
N ALA A 4 8.12 2.79 19.80
CA ALA A 4 8.54 3.35 18.54
C ALA A 4 9.86 4.09 18.70
N THR A 5 10.92 3.50 18.16
CA THR A 5 12.23 4.12 18.21
C THR A 5 12.38 5.14 17.08
N VAL A 6 11.53 6.16 17.10
CA VAL A 6 11.56 7.19 16.08
C VAL A 6 12.58 8.26 16.46
N SER A 7 13.83 8.04 16.10
CA SER A 7 14.90 8.98 16.41
C SER A 7 15.01 10.02 15.31
N ARG A 8 13.88 10.35 14.71
CA ARG A 8 13.83 11.35 13.65
C ARG A 8 13.17 12.62 14.18
N PRO A 9 13.94 13.73 14.25
CA PRO A 9 13.43 15.01 14.72
C PRO A 9 12.41 15.59 13.74
N VAL A 10 11.64 16.57 14.20
CA VAL A 10 10.62 17.24 13.37
C VAL A 10 9.38 16.35 13.19
N SER A 11 9.58 15.05 13.15
CA SER A 11 8.50 14.11 12.94
C SER A 11 7.69 13.88 14.22
N HIS A 12 6.74 14.78 14.46
CA HIS A 12 5.83 14.63 15.60
C HIS A 12 4.55 13.94 15.12
N GLN A 13 3.93 13.15 16.00
CA GLN A 13 2.75 12.37 15.63
C GLN A 13 3.10 11.46 14.45
N ARG A 14 4.03 10.55 14.67
CA ARG A 14 4.50 9.67 13.61
C ARG A 14 3.68 8.38 13.59
N MET A 15 2.41 8.50 13.26
CA MET A 15 1.55 7.34 13.16
C MET A 15 1.47 6.89 11.70
N GLY A 16 1.59 7.85 10.79
CA GLY A 16 1.59 7.56 9.38
C GLY A 16 1.99 8.76 8.57
N THR A 17 1.74 8.73 7.27
CA THR A 17 2.04 9.85 6.40
C THR A 17 0.77 10.44 5.81
N PRO A 18 0.35 11.62 6.29
CA PRO A 18 -0.85 12.30 5.79
C PRO A 18 -0.70 12.77 4.35
N MET A 19 0.55 12.94 3.92
CA MET A 19 0.85 13.34 2.56
C MET A 19 1.86 12.36 1.96
N VAL A 20 1.59 11.90 0.75
CA VAL A 20 2.44 10.92 0.11
C VAL A 20 3.17 11.51 -1.09
N GLU A 21 2.42 11.91 -2.14
CA GLU A 21 3.02 12.43 -3.37
C GLU A 21 4.10 11.49 -3.89
N ASN A 22 3.70 10.26 -4.17
CA ASN A 22 4.64 9.23 -4.60
C ASN A 22 4.19 8.65 -5.94
N ASP A 23 4.78 7.54 -6.35
CA ASP A 23 4.41 6.86 -7.60
C ASP A 23 2.99 6.33 -7.53
N SER A 24 2.48 5.87 -8.66
CA SER A 24 1.13 5.32 -8.73
C SER A 24 1.14 3.88 -8.23
N GLY A 25 2.30 3.25 -8.27
CA GLY A 25 2.43 1.90 -7.77
C GLY A 25 3.08 1.87 -6.41
N TYR A 26 3.45 0.68 -5.97
CA TYR A 26 4.04 0.50 -4.66
C TYR A 26 5.48 0.00 -4.76
N LYS A 27 6.20 0.07 -3.65
CA LYS A 27 7.61 -0.31 -3.63
C LYS A 27 7.83 -1.44 -2.62
N LEU A 28 8.68 -2.38 -2.99
CA LEU A 28 8.97 -3.52 -2.12
C LEU A 28 9.76 -3.07 -0.90
N GLY A 29 9.45 -3.67 0.24
CA GLY A 29 10.11 -3.31 1.48
C GLY A 29 9.35 -2.24 2.24
N GLN A 30 8.34 -1.67 1.58
CA GLN A 30 7.51 -0.65 2.20
C GLN A 30 6.46 -1.32 3.08
N ARG A 31 6.16 -0.71 4.21
CA ARG A 31 5.15 -1.23 5.10
C ARG A 31 3.83 -0.53 4.83
N VAL A 32 2.76 -1.27 4.90
CA VAL A 32 1.44 -0.75 4.62
C VAL A 32 0.53 -0.92 5.82
N ARG A 33 -0.48 -0.08 5.90
CA ARG A 33 -1.43 -0.15 7.00
C ARG A 33 -2.86 -0.15 6.48
N HIS A 34 -3.64 -1.09 6.96
CA HIS A 34 -5.05 -1.20 6.59
C HIS A 34 -5.87 -1.47 7.85
N ALA A 35 -6.95 -0.72 8.04
CA ALA A 35 -7.69 -0.74 9.29
C ALA A 35 -8.32 -2.10 9.56
N LYS A 36 -8.60 -2.83 8.49
CA LYS A 36 -9.25 -4.13 8.59
C LYS A 36 -8.24 -5.27 8.64
N PHE A 37 -7.11 -5.10 7.97
CA PHE A 37 -6.13 -6.17 7.84
C PHE A 37 -4.92 -5.98 8.76
N GLY A 38 -4.80 -4.81 9.35
CA GLY A 38 -3.66 -4.53 10.20
C GLY A 38 -2.56 -3.79 9.46
N GLU A 39 -1.35 -4.29 9.54
CA GLU A 39 -0.23 -3.69 8.83
C GLU A 39 0.75 -4.76 8.38
N GLY A 40 1.42 -4.53 7.27
CA GLY A 40 2.33 -5.52 6.75
C GLY A 40 3.43 -4.91 5.91
N THR A 41 4.31 -5.76 5.40
CA THR A 41 5.38 -5.31 4.54
C THR A 41 5.23 -5.90 3.15
N ILE A 42 5.27 -5.05 2.15
CA ILE A 42 5.17 -5.51 0.76
C ILE A 42 6.46 -6.21 0.37
N VAL A 43 6.43 -7.53 0.31
CA VAL A 43 7.62 -8.30 0.03
C VAL A 43 7.74 -8.64 -1.45
N ASN A 44 6.59 -8.67 -2.13
CA ASN A 44 6.57 -8.98 -3.55
C ASN A 44 5.38 -8.28 -4.20
N MET A 45 5.42 -8.16 -5.51
CA MET A 45 4.31 -7.57 -6.25
C MET A 45 4.25 -8.14 -7.66
N GLU A 46 3.06 -8.14 -8.23
CA GLU A 46 2.85 -8.69 -9.56
C GLU A 46 2.18 -7.68 -10.47
N GLY A 47 2.78 -7.42 -11.61
CA GLY A 47 2.16 -6.59 -12.62
C GLY A 47 2.23 -5.10 -12.30
N SER A 48 1.73 -4.30 -13.22
CA SER A 48 1.70 -2.85 -13.05
C SER A 48 0.41 -2.28 -13.60
N GLY A 49 -0.02 -1.14 -13.07
CA GLY A 49 -1.26 -0.53 -13.50
C GLY A 49 -2.45 -1.05 -12.72
N GLU A 50 -3.53 -1.38 -13.42
CA GLU A 50 -4.72 -1.90 -12.76
C GLU A 50 -4.55 -3.38 -12.46
N HIS A 51 -3.80 -4.07 -13.32
CA HIS A 51 -3.56 -5.49 -13.18
C HIS A 51 -2.37 -5.77 -12.26
N SER A 52 -2.23 -4.96 -11.23
CA SER A 52 -1.14 -5.11 -10.29
C SER A 52 -1.63 -5.64 -8.96
N ARG A 53 -0.93 -6.62 -8.42
CA ARG A 53 -1.25 -7.16 -7.11
C ARG A 53 -0.02 -7.10 -6.22
N LEU A 54 -0.22 -6.79 -4.96
CA LEU A 54 0.87 -6.74 -4.01
C LEU A 54 0.80 -7.93 -3.06
N GLN A 55 1.93 -8.54 -2.81
CA GLN A 55 2.00 -9.63 -1.86
C GLN A 55 2.54 -9.10 -0.54
N VAL A 56 1.65 -8.85 0.39
CA VAL A 56 1.99 -8.16 1.63
C VAL A 56 2.11 -9.14 2.79
N ALA A 57 3.26 -9.12 3.45
CA ALA A 57 3.47 -9.93 4.63
C ALA A 57 3.02 -9.18 5.88
N PHE A 58 1.80 -9.46 6.32
CA PHE A 58 1.23 -8.78 7.47
C PHE A 58 1.88 -9.24 8.76
N GLN A 59 1.94 -8.34 9.74
CA GLN A 59 2.69 -8.57 10.97
C GLN A 59 2.39 -9.93 11.62
N GLY A 60 1.11 -10.25 11.80
CA GLY A 60 0.77 -11.48 12.48
C GLY A 60 -0.31 -12.28 11.78
N GLN A 61 -0.55 -12.02 10.50
CA GLN A 61 -1.59 -12.75 9.77
C GLN A 61 -1.03 -13.40 8.51
N GLY A 62 0.28 -13.42 8.38
CA GLY A 62 0.89 -14.05 7.22
C GLY A 62 0.88 -13.16 6.00
N ILE A 63 1.16 -13.75 4.84
CA ILE A 63 1.26 -13.00 3.60
C ILE A 63 -0.05 -13.08 2.80
N LYS A 64 -0.54 -11.92 2.37
CA LYS A 64 -1.77 -11.84 1.59
C LYS A 64 -1.51 -11.26 0.20
N TRP A 65 -2.52 -11.35 -0.65
CA TRP A 65 -2.46 -10.77 -1.98
C TRP A 65 -3.47 -9.63 -2.09
N LEU A 66 -2.98 -8.44 -2.38
CA LEU A 66 -3.83 -7.26 -2.46
C LEU A 66 -3.74 -6.63 -3.84
N VAL A 67 -4.85 -6.61 -4.57
CA VAL A 67 -4.88 -5.96 -5.88
C VAL A 67 -4.68 -4.46 -5.70
N ALA A 68 -3.51 -3.99 -6.12
CA ALA A 68 -3.06 -2.63 -5.84
C ALA A 68 -4.04 -1.57 -6.34
N ALA A 69 -4.69 -1.86 -7.45
CA ALA A 69 -5.63 -0.91 -8.05
C ALA A 69 -6.85 -0.69 -7.16
N TYR A 70 -7.16 -1.67 -6.31
CA TYR A 70 -8.35 -1.60 -5.48
C TYR A 70 -7.97 -1.71 -4.00
N ALA A 71 -6.68 -1.68 -3.72
CA ALA A 71 -6.19 -1.87 -2.37
C ALA A 71 -6.13 -0.56 -1.59
N ARG A 72 -5.37 0.40 -2.13
CA ARG A 72 -5.18 1.70 -1.51
C ARG A 72 -4.65 1.57 -0.08
N LEU A 73 -3.39 1.18 0.03
CA LEU A 73 -2.75 0.97 1.31
C LEU A 73 -2.09 2.25 1.82
N GLU A 74 -2.17 2.46 3.12
CA GLU A 74 -1.51 3.58 3.76
C GLU A 74 -0.06 3.21 4.06
N SER A 75 0.83 4.19 4.03
CA SER A 75 2.24 3.92 4.27
C SER A 75 2.58 4.11 5.75
N VAL A 76 3.11 3.06 6.36
CA VAL A 76 3.52 3.12 7.75
C VAL A 76 5.01 2.81 7.88
N ARG A 1 8.34 25.05 3.81
CA ARG A 1 7.09 24.60 3.16
C ARG A 1 6.47 25.74 2.36
N LEU A 2 6.66 25.71 1.05
CA LEU A 2 6.14 26.75 0.17
C LEU A 2 4.68 26.47 -0.18
N ARG A 3 4.26 25.23 -0.04
CA ARG A 3 2.90 24.84 -0.38
C ARG A 3 2.39 23.77 0.56
N ALA A 4 1.14 23.89 0.98
CA ALA A 4 0.50 22.89 1.80
C ALA A 4 -0.70 22.30 1.06
N THR A 5 -1.70 23.14 0.83
CA THR A 5 -2.88 22.76 0.08
C THR A 5 -3.88 23.90 0.02
N VAL A 6 -4.69 23.92 -1.02
CA VAL A 6 -5.77 24.89 -1.15
C VAL A 6 -7.05 24.15 -1.53
N SER A 7 -6.94 22.84 -1.63
CA SER A 7 -8.04 22.03 -2.10
C SER A 7 -9.15 21.93 -1.06
N ARG A 8 -10.38 21.91 -1.53
CA ARG A 8 -11.53 21.73 -0.66
C ARG A 8 -12.30 20.50 -1.11
N PRO A 9 -12.61 19.58 -0.18
CA PRO A 9 -13.28 18.31 -0.49
C PRO A 9 -14.75 18.47 -0.85
N VAL A 10 -15.01 19.37 -1.77
CA VAL A 10 -16.34 19.58 -2.30
C VAL A 10 -16.61 18.58 -3.41
N SER A 11 -15.53 18.16 -4.06
CA SER A 11 -15.58 17.12 -5.06
C SER A 11 -15.11 15.81 -4.45
N HIS A 12 -15.84 15.36 -3.43
CA HIS A 12 -15.47 14.17 -2.69
C HIS A 12 -15.82 12.91 -3.48
N GLN A 13 -14.80 12.34 -4.10
CA GLN A 13 -14.95 11.09 -4.82
C GLN A 13 -13.86 10.13 -4.37
N ARG A 14 -12.63 10.62 -4.39
CA ARG A 14 -11.50 9.89 -3.83
C ARG A 14 -11.07 10.54 -2.52
N MET A 15 -12.07 10.82 -1.69
CA MET A 15 -11.90 11.47 -0.39
C MET A 15 -11.59 12.96 -0.54
N GLY A 16 -10.68 13.30 -1.44
CA GLY A 16 -10.30 14.67 -1.63
C GLY A 16 -9.06 14.99 -0.84
N THR A 17 -8.23 13.98 -0.64
CA THR A 17 -7.02 14.10 0.13
C THR A 17 -5.98 14.91 -0.62
N PRO A 18 -5.30 15.83 0.09
CA PRO A 18 -4.19 16.61 -0.49
C PRO A 18 -2.93 15.77 -0.63
N MET A 19 -2.93 14.62 0.03
CA MET A 19 -1.82 13.68 -0.03
C MET A 19 -2.27 12.38 -0.68
N VAL A 20 -1.71 12.10 -1.86
CA VAL A 20 -2.05 10.90 -2.60
C VAL A 20 -1.49 9.67 -1.88
N GLU A 21 -2.38 8.71 -1.62
CA GLU A 21 -2.01 7.49 -0.90
C GLU A 21 -1.08 6.64 -1.76
N ASN A 22 -1.28 6.71 -3.06
CA ASN A 22 -0.39 6.03 -4.01
C ASN A 22 0.57 7.05 -4.60
N ASP A 23 1.24 7.78 -3.71
CA ASP A 23 2.09 8.91 -4.10
C ASP A 23 3.23 8.50 -5.03
N SER A 24 4.06 7.57 -4.58
CA SER A 24 5.25 7.21 -5.32
C SER A 24 5.22 5.75 -5.76
N GLY A 25 4.28 5.00 -5.24
CA GLY A 25 4.19 3.60 -5.58
C GLY A 25 4.68 2.71 -4.47
N TYR A 26 4.28 1.46 -4.50
CA TYR A 26 4.63 0.51 -3.46
C TYR A 26 5.89 -0.26 -3.82
N LYS A 27 6.72 -0.50 -2.82
CA LYS A 27 8.02 -1.13 -3.02
C LYS A 27 8.16 -2.37 -2.15
N LEU A 28 9.11 -3.23 -2.49
CA LEU A 28 9.38 -4.42 -1.71
C LEU A 28 10.22 -4.07 -0.50
N GLY A 29 9.95 -4.74 0.61
CA GLY A 29 10.64 -4.47 1.86
C GLY A 29 10.00 -3.32 2.60
N GLN A 30 8.90 -2.82 2.04
CA GLN A 30 8.18 -1.70 2.63
C GLN A 30 7.18 -2.19 3.66
N ARG A 31 6.97 -1.41 4.71
CA ARG A 31 6.03 -1.78 5.75
C ARG A 31 4.79 -0.91 5.64
N VAL A 32 3.64 -1.57 5.55
CA VAL A 32 2.38 -0.90 5.32
C VAL A 32 1.43 -1.11 6.49
N ARG A 33 0.39 -0.29 6.55
CA ARG A 33 -0.63 -0.43 7.56
C ARG A 33 -2.01 -0.29 6.92
N HIS A 34 -2.83 -1.32 7.07
CA HIS A 34 -4.18 -1.32 6.52
C HIS A 34 -5.14 -1.84 7.58
N ALA A 35 -6.15 -1.04 7.92
CA ALA A 35 -7.00 -1.32 9.09
C ALA A 35 -7.71 -2.68 9.00
N LYS A 36 -7.82 -3.21 7.81
CA LYS A 36 -8.52 -4.47 7.59
C LYS A 36 -7.61 -5.67 7.80
N PHE A 37 -6.33 -5.53 7.46
CA PHE A 37 -5.41 -6.67 7.53
C PHE A 37 -4.29 -6.45 8.54
N GLY A 38 -4.14 -5.22 9.01
CA GLY A 38 -3.07 -4.91 9.94
C GLY A 38 -1.89 -4.27 9.23
N GLU A 39 -0.71 -4.37 9.84
CA GLU A 39 0.50 -3.88 9.21
C GLU A 39 1.34 -5.04 8.70
N GLY A 40 1.98 -4.86 7.56
CA GLY A 40 2.75 -5.92 6.98
C GLY A 40 3.87 -5.42 6.11
N THR A 41 4.68 -6.33 5.61
CA THR A 41 5.80 -5.98 4.75
C THR A 41 5.55 -6.50 3.34
N ILE A 42 5.60 -5.60 2.38
CA ILE A 42 5.43 -5.97 0.98
C ILE A 42 6.62 -6.78 0.53
N VAL A 43 6.42 -8.08 0.35
CA VAL A 43 7.52 -8.99 0.02
C VAL A 43 7.54 -9.30 -1.46
N ASN A 44 6.42 -9.07 -2.13
CA ASN A 44 6.31 -9.35 -3.55
C ASN A 44 5.21 -8.50 -4.15
N MET A 45 5.21 -8.37 -5.46
CA MET A 45 4.17 -7.65 -6.18
C MET A 45 3.99 -8.27 -7.55
N GLU A 46 2.77 -8.25 -8.04
CA GLU A 46 2.45 -8.93 -9.31
C GLU A 46 1.92 -7.94 -10.34
N GLY A 47 2.60 -7.89 -11.48
CA GLY A 47 2.13 -7.06 -12.58
C GLY A 47 2.22 -5.57 -12.30
N SER A 48 1.69 -4.77 -13.21
CA SER A 48 1.71 -3.33 -13.07
C SER A 48 0.38 -2.72 -13.50
N GLY A 49 0.17 -1.46 -13.15
CA GLY A 49 -1.05 -0.78 -13.53
C GLY A 49 -2.22 -1.10 -12.61
N GLU A 50 -3.43 -1.06 -13.16
CA GLU A 50 -4.64 -1.32 -12.39
C GLU A 50 -4.67 -2.77 -11.90
N HIS A 51 -4.25 -3.69 -12.76
CA HIS A 51 -4.29 -5.11 -12.42
C HIS A 51 -3.02 -5.54 -11.68
N SER A 52 -2.34 -4.58 -11.08
CA SER A 52 -1.16 -4.87 -10.28
C SER A 52 -1.59 -5.30 -8.89
N ARG A 53 -0.90 -6.28 -8.34
CA ARG A 53 -1.19 -6.77 -7.00
C ARG A 53 0.04 -6.64 -6.13
N LEU A 54 -0.17 -6.50 -4.85
CA LEU A 54 0.92 -6.50 -3.90
C LEU A 54 0.75 -7.66 -2.95
N GLN A 55 1.80 -8.42 -2.76
CA GLN A 55 1.78 -9.50 -1.80
C GLN A 55 2.42 -9.04 -0.51
N VAL A 56 1.57 -8.73 0.44
CA VAL A 56 2.00 -8.17 1.70
C VAL A 56 2.05 -9.23 2.78
N ALA A 57 3.21 -9.40 3.38
CA ALA A 57 3.37 -10.33 4.48
C ALA A 57 3.00 -9.63 5.78
N PHE A 58 1.75 -9.79 6.19
CA PHE A 58 1.27 -9.19 7.41
C PHE A 58 1.77 -10.00 8.60
N GLN A 59 2.58 -9.37 9.44
CA GLN A 59 3.23 -10.05 10.56
C GLN A 59 2.22 -10.64 11.54
N GLY A 60 1.01 -10.12 11.53
CA GLY A 60 -0.02 -10.64 12.40
C GLY A 60 -0.72 -11.86 11.82
N GLN A 61 -0.62 -12.03 10.52
CA GLN A 61 -1.29 -13.14 9.84
C GLN A 61 -0.37 -13.84 8.84
N GLY A 62 -0.27 -13.27 7.65
CA GLY A 62 0.53 -13.86 6.61
C GLY A 62 0.48 -13.06 5.33
N ILE A 63 0.75 -13.70 4.21
CA ILE A 63 0.80 -13.02 2.93
C ILE A 63 -0.59 -12.90 2.30
N LYS A 64 -0.96 -11.68 1.94
CA LYS A 64 -2.22 -11.42 1.26
C LYS A 64 -1.95 -10.75 -0.08
N TRP A 65 -2.93 -10.81 -0.97
CA TRP A 65 -2.83 -10.15 -2.26
C TRP A 65 -3.70 -8.90 -2.27
N LEU A 66 -3.07 -7.75 -2.40
CA LEU A 66 -3.78 -6.49 -2.41
C LEU A 66 -3.66 -5.84 -3.79
N VAL A 67 -4.79 -5.72 -4.48
CA VAL A 67 -4.81 -5.09 -5.79
C VAL A 67 -4.44 -3.62 -5.68
N ALA A 68 -3.31 -3.26 -6.28
CA ALA A 68 -2.69 -1.95 -6.11
C ALA A 68 -3.64 -0.79 -6.42
N ALA A 69 -4.55 -1.01 -7.36
CA ALA A 69 -5.52 0.01 -7.76
C ALA A 69 -6.50 0.31 -6.62
N TYR A 70 -6.70 -0.66 -5.75
CA TYR A 70 -7.64 -0.52 -4.64
C TYR A 70 -7.00 -1.00 -3.35
N ALA A 71 -5.68 -0.86 -3.27
CA ALA A 71 -4.91 -1.39 -2.16
C ALA A 71 -4.99 -0.46 -0.95
N ARG A 72 -4.59 0.79 -1.14
CA ARG A 72 -4.64 1.79 -0.10
C ARG A 72 -3.83 1.35 1.13
N LEU A 73 -2.52 1.32 0.97
CA LEU A 73 -1.63 0.97 2.06
C LEU A 73 -0.93 2.20 2.60
N GLU A 74 -1.11 2.44 3.88
CA GLU A 74 -0.52 3.60 4.54
C GLU A 74 0.85 3.23 5.09
N SER A 75 1.85 4.06 4.80
CA SER A 75 3.18 3.85 5.34
C SER A 75 3.16 4.01 6.86
N VAL A 76 3.65 2.99 7.55
CA VAL A 76 3.64 3.00 9.01
C VAL A 76 4.52 4.12 9.55
N ARG A 1 7.55 18.10 20.78
CA ARG A 1 8.89 17.91 21.39
C ARG A 1 9.93 17.49 20.34
N LEU A 2 9.50 16.73 19.34
CA LEU A 2 10.42 16.23 18.33
C LEU A 2 9.82 16.35 16.93
N ARG A 3 8.83 15.52 16.65
CA ARG A 3 8.15 15.55 15.37
C ARG A 3 6.79 16.22 15.52
N ALA A 4 6.72 17.48 15.08
CA ALA A 4 5.51 18.26 15.22
C ALA A 4 4.40 17.71 14.33
N THR A 5 3.24 17.49 14.92
CA THR A 5 2.08 17.00 14.19
C THR A 5 0.81 17.61 14.76
N VAL A 6 -0.04 18.12 13.88
CA VAL A 6 -1.25 18.80 14.29
C VAL A 6 -2.34 17.81 14.65
N SER A 7 -2.61 16.88 13.74
CA SER A 7 -3.64 15.89 13.96
C SER A 7 -3.45 14.68 13.05
N ARG A 8 -3.72 14.88 11.77
CA ARG A 8 -3.56 13.83 10.78
C ARG A 8 -2.51 14.22 9.74
N PRO A 9 -1.39 13.49 9.71
CA PRO A 9 -0.31 13.72 8.74
C PRO A 9 -0.82 13.62 7.29
N VAL A 10 -0.03 14.16 6.37
CA VAL A 10 -0.39 14.13 4.96
C VAL A 10 -0.14 12.75 4.36
N SER A 11 -1.06 11.85 4.62
CA SER A 11 -1.00 10.51 4.08
C SER A 11 -1.78 10.41 2.78
N HIS A 12 -1.64 11.44 1.96
CA HIS A 12 -2.36 11.51 0.68
C HIS A 12 -1.40 11.25 -0.46
N GLN A 13 -1.44 10.04 -1.00
CA GLN A 13 -0.56 9.66 -2.10
C GLN A 13 -1.35 9.50 -3.38
N ARG A 14 -0.69 9.71 -4.51
CA ARG A 14 -1.34 9.60 -5.81
C ARG A 14 -0.85 8.37 -6.55
N MET A 15 -1.63 7.30 -6.51
CA MET A 15 -1.27 6.07 -7.21
C MET A 15 -1.61 6.19 -8.69
N GLY A 16 -2.55 7.07 -9.00
CA GLY A 16 -2.99 7.25 -10.37
C GLY A 16 -2.25 8.37 -11.05
N THR A 17 -1.06 8.68 -10.56
CA THR A 17 -0.25 9.73 -11.13
C THR A 17 0.40 9.25 -12.42
N PRO A 18 0.24 10.00 -13.51
CA PRO A 18 0.93 9.73 -14.77
C PRO A 18 2.42 10.04 -14.65
N MET A 19 3.24 9.32 -15.41
CA MET A 19 4.70 9.48 -15.37
C MET A 19 5.24 9.09 -13.99
N VAL A 20 5.76 7.88 -13.91
CA VAL A 20 6.30 7.37 -12.66
C VAL A 20 7.53 8.15 -12.22
N GLU A 21 7.34 9.05 -11.27
CA GLU A 21 8.42 9.89 -10.78
C GLU A 21 9.17 9.20 -9.64
N ASN A 22 8.58 8.13 -9.12
CA ASN A 22 9.21 7.35 -8.06
C ASN A 22 8.81 5.89 -8.17
N ASP A 23 7.51 5.63 -8.02
CA ASP A 23 6.98 4.28 -8.14
C ASP A 23 5.54 4.33 -8.65
N SER A 24 5.00 3.16 -8.99
CA SER A 24 3.69 3.08 -9.63
C SER A 24 2.58 2.87 -8.59
N GLY A 25 2.81 3.30 -7.37
CA GLY A 25 1.81 3.20 -6.35
C GLY A 25 2.37 2.76 -5.02
N TYR A 26 3.03 1.61 -5.03
CA TYR A 26 3.62 1.04 -3.83
C TYR A 26 5.03 0.55 -4.14
N LYS A 27 5.74 0.15 -3.10
CA LYS A 27 7.13 -0.26 -3.24
C LYS A 27 7.42 -1.47 -2.36
N LEU A 28 8.43 -2.24 -2.73
CA LEU A 28 8.81 -3.42 -1.97
C LEU A 28 9.60 -3.02 -0.75
N GLY A 29 9.35 -3.72 0.35
CA GLY A 29 10.01 -3.41 1.60
C GLY A 29 9.30 -2.30 2.35
N GLN A 30 8.16 -1.87 1.82
CA GLN A 30 7.38 -0.81 2.42
C GLN A 30 6.50 -1.39 3.53
N ARG A 31 6.36 -0.63 4.60
CA ARG A 31 5.51 -1.04 5.71
C ARG A 31 4.12 -0.47 5.53
N VAL A 32 3.14 -1.35 5.46
CA VAL A 32 1.76 -0.94 5.23
C VAL A 32 0.89 -1.33 6.42
N ARG A 33 -0.20 -0.60 6.59
CA ARG A 33 -1.13 -0.88 7.66
C ARG A 33 -2.55 -0.91 7.10
N HIS A 34 -3.33 -1.88 7.55
CA HIS A 34 -4.75 -1.95 7.21
C HIS A 34 -5.57 -2.36 8.42
N ALA A 35 -6.84 -2.00 8.44
CA ALA A 35 -7.69 -2.24 9.60
C ALA A 35 -7.73 -3.71 10.02
N LYS A 36 -8.07 -4.56 9.08
CA LYS A 36 -8.33 -5.97 9.37
C LYS A 36 -7.08 -6.82 9.20
N PHE A 37 -6.20 -6.41 8.29
CA PHE A 37 -5.00 -7.17 8.00
C PHE A 37 -3.86 -6.77 8.93
N GLY A 38 -4.05 -5.68 9.66
CA GLY A 38 -3.04 -5.24 10.60
C GLY A 38 -1.96 -4.41 9.93
N GLU A 39 -0.75 -4.94 9.88
CA GLU A 39 0.35 -4.25 9.22
C GLU A 39 1.34 -5.28 8.68
N GLY A 40 2.00 -4.95 7.58
CA GLY A 40 2.93 -5.89 6.99
C GLY A 40 3.92 -5.22 6.06
N THR A 41 4.79 -6.03 5.49
CA THR A 41 5.78 -5.57 4.54
C THR A 41 5.45 -6.09 3.15
N ILE A 42 5.43 -5.19 2.17
CA ILE A 42 5.22 -5.59 0.80
C ILE A 42 6.48 -6.29 0.28
N VAL A 43 6.43 -7.60 0.19
CA VAL A 43 7.60 -8.38 -0.19
C VAL A 43 7.62 -8.63 -1.70
N ASN A 44 6.45 -8.63 -2.29
CA ASN A 44 6.32 -8.81 -3.73
C ASN A 44 5.15 -7.99 -4.25
N MET A 45 5.14 -7.75 -5.55
CA MET A 45 4.06 -7.03 -6.19
C MET A 45 3.94 -7.46 -7.64
N GLU A 46 2.72 -7.53 -8.12
CA GLU A 46 2.47 -8.00 -9.47
C GLU A 46 2.03 -6.86 -10.36
N GLY A 47 2.77 -6.65 -11.45
CA GLY A 47 2.44 -5.60 -12.38
C GLY A 47 2.65 -4.22 -11.80
N SER A 48 2.16 -3.20 -12.50
CA SER A 48 2.26 -1.83 -12.03
C SER A 48 1.14 -0.98 -12.65
N GLY A 49 0.45 -0.22 -11.82
CA GLY A 49 -0.64 0.61 -12.29
C GLY A 49 -1.99 0.11 -11.84
N GLU A 50 -2.98 0.22 -12.71
CA GLU A 50 -4.34 -0.21 -12.38
C GLU A 50 -4.41 -1.73 -12.19
N HIS A 51 -3.62 -2.45 -12.97
CA HIS A 51 -3.62 -3.91 -12.92
C HIS A 51 -2.52 -4.42 -12.00
N SER A 52 -2.20 -3.64 -10.98
CA SER A 52 -1.13 -4.00 -10.07
C SER A 52 -1.70 -4.67 -8.81
N ARG A 53 -1.03 -5.71 -8.35
CA ARG A 53 -1.38 -6.37 -7.11
C ARG A 53 -0.16 -6.37 -6.19
N LEU A 54 -0.39 -6.55 -4.92
CA LEU A 54 0.69 -6.58 -3.94
C LEU A 54 0.65 -7.89 -3.18
N GLN A 55 1.81 -8.35 -2.76
CA GLN A 55 1.90 -9.52 -1.90
C GLN A 55 2.52 -9.10 -0.58
N VAL A 56 1.66 -8.83 0.38
CA VAL A 56 2.10 -8.25 1.65
C VAL A 56 2.19 -9.31 2.73
N ALA A 57 3.28 -9.29 3.48
CA ALA A 57 3.47 -10.21 4.58
C ALA A 57 3.05 -9.54 5.89
N PHE A 58 1.80 -9.76 6.29
CA PHE A 58 1.27 -9.15 7.51
C PHE A 58 1.75 -9.89 8.75
N GLN A 59 2.13 -9.14 9.75
CA GLN A 59 2.78 -9.68 10.94
C GLN A 59 1.83 -10.48 11.81
N GLY A 60 0.54 -10.23 11.68
CA GLY A 60 -0.43 -10.88 12.53
C GLY A 60 -1.23 -11.97 11.84
N GLN A 61 -0.92 -12.23 10.58
CA GLN A 61 -1.65 -13.23 9.80
C GLN A 61 -0.74 -13.94 8.81
N GLY A 62 -0.06 -13.18 7.98
CA GLY A 62 0.85 -13.78 7.02
C GLY A 62 0.79 -13.10 5.67
N ILE A 63 1.23 -13.80 4.63
CA ILE A 63 1.30 -13.26 3.29
C ILE A 63 -0.08 -13.25 2.64
N LYS A 64 -0.42 -12.14 2.00
CA LYS A 64 -1.70 -11.99 1.33
C LYS A 64 -1.55 -11.29 -0.01
N TRP A 65 -2.53 -11.47 -0.87
CA TRP A 65 -2.60 -10.78 -2.15
C TRP A 65 -3.54 -9.58 -2.02
N LEU A 66 -3.08 -8.41 -2.45
CA LEU A 66 -3.89 -7.20 -2.38
C LEU A 66 -3.94 -6.53 -3.75
N VAL A 67 -5.14 -6.28 -4.25
CA VAL A 67 -5.27 -5.53 -5.49
C VAL A 67 -4.96 -4.06 -5.22
N ALA A 68 -3.78 -3.63 -5.65
CA ALA A 68 -3.25 -2.31 -5.31
C ALA A 68 -4.18 -1.20 -5.74
N ALA A 69 -4.92 -1.43 -6.83
CA ALA A 69 -5.84 -0.44 -7.37
C ALA A 69 -6.90 -0.01 -6.36
N TYR A 70 -7.31 -0.95 -5.50
CA TYR A 70 -8.35 -0.67 -4.52
C TYR A 70 -7.89 -1.05 -3.12
N ALA A 71 -6.58 -1.16 -2.97
CA ALA A 71 -6.00 -1.58 -1.71
C ALA A 71 -6.00 -0.43 -0.70
N ARG A 72 -5.42 0.70 -1.10
CA ARG A 72 -5.29 1.87 -0.24
C ARG A 72 -4.69 1.47 1.12
N LEU A 73 -3.45 1.01 1.07
CA LEU A 73 -2.72 0.70 2.28
C LEU A 73 -2.15 1.97 2.89
N GLU A 74 -2.21 2.08 4.20
CA GLU A 74 -1.67 3.23 4.87
C GLU A 74 -0.24 2.95 5.27
N SER A 75 0.70 3.74 4.78
CA SER A 75 2.09 3.52 5.09
C SER A 75 2.36 3.86 6.56
N VAL A 76 2.91 2.90 7.27
CA VAL A 76 3.16 3.05 8.69
C VAL A 76 4.65 3.24 8.96
N ARG A 1 4.75 28.03 1.54
CA ARG A 1 3.91 28.93 2.38
C ARG A 1 2.44 28.62 2.16
N LEU A 2 1.57 29.36 2.86
CA LEU A 2 0.13 29.14 2.80
C LEU A 2 -0.21 27.76 3.35
N ARG A 3 0.27 27.50 4.55
CA ARG A 3 0.05 26.22 5.21
C ARG A 3 -1.15 26.31 6.14
N ALA A 4 -2.35 26.30 5.56
CA ALA A 4 -3.59 26.41 6.32
C ALA A 4 -3.60 27.68 7.17
N THR A 5 -3.85 28.81 6.53
CA THR A 5 -3.80 30.11 7.19
C THR A 5 -5.11 30.41 7.91
N VAL A 6 -5.70 29.37 8.51
CA VAL A 6 -6.97 29.48 9.21
C VAL A 6 -8.03 30.06 8.28
N SER A 7 -8.25 29.36 7.17
CA SER A 7 -9.19 29.80 6.15
C SER A 7 -9.58 28.63 5.25
N ARG A 8 -8.57 28.00 4.67
CA ARG A 8 -8.79 26.89 3.75
C ARG A 8 -7.73 25.82 3.94
N PRO A 9 -7.96 24.89 4.87
CA PRO A 9 -7.04 23.79 5.13
C PRO A 9 -7.28 22.63 4.16
N VAL A 10 -7.13 22.92 2.88
CA VAL A 10 -7.47 21.97 1.82
C VAL A 10 -8.94 21.60 1.89
N SER A 11 -9.78 22.49 1.38
CA SER A 11 -11.21 22.28 1.38
C SER A 11 -11.62 21.37 0.23
N HIS A 12 -10.76 21.28 -0.78
CA HIS A 12 -10.97 20.38 -1.91
C HIS A 12 -10.63 18.96 -1.53
N GLN A 13 -11.63 18.11 -1.46
CA GLN A 13 -11.43 16.70 -1.13
C GLN A 13 -11.91 15.82 -2.27
N ARG A 14 -11.31 14.64 -2.42
CA ARG A 14 -11.63 13.77 -3.52
C ARG A 14 -13.06 13.21 -3.40
N MET A 15 -13.23 12.23 -2.53
CA MET A 15 -14.54 11.63 -2.33
C MET A 15 -14.98 11.79 -0.88
N GLY A 16 -14.06 11.57 0.04
CA GLY A 16 -14.36 11.72 1.45
C GLY A 16 -13.19 12.29 2.23
N THR A 17 -11.99 12.03 1.75
CA THR A 17 -10.79 12.52 2.39
C THR A 17 -9.99 13.42 1.44
N PRO A 18 -9.40 14.50 1.97
CA PRO A 18 -8.50 15.36 1.21
C PRO A 18 -7.11 14.76 1.10
N MET A 19 -7.01 13.60 0.47
CA MET A 19 -5.75 12.90 0.33
C MET A 19 -5.21 13.04 -1.07
N VAL A 20 -3.95 13.45 -1.17
CA VAL A 20 -3.29 13.60 -2.45
C VAL A 20 -2.80 12.25 -2.97
N GLU A 21 -3.29 11.86 -4.14
CA GLU A 21 -2.89 10.59 -4.74
C GLU A 21 -1.51 10.71 -5.36
N ASN A 22 -0.50 10.63 -4.53
CA ASN A 22 0.88 10.75 -4.98
C ASN A 22 1.61 9.42 -4.90
N ASP A 23 2.53 9.21 -5.84
CA ASP A 23 3.32 7.98 -5.93
C ASP A 23 2.45 6.79 -6.32
N SER A 24 2.87 6.09 -7.36
CA SER A 24 2.13 4.95 -7.87
C SER A 24 3.07 3.76 -8.02
N GLY A 25 4.02 3.63 -7.10
CA GLY A 25 4.98 2.55 -7.17
C GLY A 25 5.42 2.09 -5.79
N TYR A 26 4.75 1.07 -5.27
CA TYR A 26 5.12 0.49 -4.00
C TYR A 26 6.45 -0.24 -4.12
N LYS A 27 7.14 -0.41 -2.99
CA LYS A 27 8.46 -1.03 -2.99
C LYS A 27 8.46 -2.31 -2.18
N LEU A 28 9.36 -3.22 -2.53
CA LEU A 28 9.52 -4.46 -1.79
C LEU A 28 10.34 -4.21 -0.54
N GLY A 29 9.86 -4.74 0.58
CA GLY A 29 10.48 -4.48 1.86
C GLY A 29 9.82 -3.32 2.58
N GLN A 30 8.79 -2.76 1.95
CA GLN A 30 8.06 -1.66 2.53
C GLN A 30 7.04 -2.19 3.55
N ARG A 31 6.84 -1.42 4.60
CA ARG A 31 5.88 -1.79 5.63
C ARG A 31 4.63 -0.95 5.47
N VAL A 32 3.50 -1.61 5.42
CA VAL A 32 2.23 -0.97 5.15
C VAL A 32 1.26 -1.13 6.29
N ARG A 33 0.36 -0.18 6.42
CA ARG A 33 -0.71 -0.25 7.41
C ARG A 33 -2.07 -0.13 6.74
N HIS A 34 -2.90 -1.12 6.99
CA HIS A 34 -4.24 -1.18 6.43
C HIS A 34 -5.20 -1.69 7.50
N ALA A 35 -5.99 -0.77 8.07
CA ALA A 35 -6.84 -1.05 9.24
C ALA A 35 -7.52 -2.42 9.22
N LYS A 36 -7.96 -2.83 8.04
CA LYS A 36 -8.77 -4.03 7.92
C LYS A 36 -7.93 -5.29 8.06
N PHE A 37 -6.68 -5.23 7.64
CA PHE A 37 -5.81 -6.41 7.66
C PHE A 37 -4.63 -6.22 8.60
N GLY A 38 -4.39 -4.99 9.02
CA GLY A 38 -3.27 -4.69 9.90
C GLY A 38 -2.08 -4.16 9.12
N GLU A 39 -0.89 -4.34 9.68
CA GLU A 39 0.33 -3.90 9.03
C GLU A 39 1.14 -5.09 8.55
N GLY A 40 1.86 -4.91 7.44
CA GLY A 40 2.66 -5.98 6.91
C GLY A 40 3.79 -5.47 6.05
N THR A 41 4.59 -6.37 5.53
CA THR A 41 5.69 -6.00 4.66
C THR A 41 5.47 -6.55 3.26
N ILE A 42 5.54 -5.67 2.27
CA ILE A 42 5.38 -6.08 0.88
C ILE A 42 6.58 -6.89 0.43
N VAL A 43 6.42 -8.19 0.32
CA VAL A 43 7.52 -9.08 -0.03
C VAL A 43 7.56 -9.37 -1.52
N ASN A 44 6.39 -9.29 -2.15
CA ASN A 44 6.28 -9.56 -3.58
C ASN A 44 5.20 -8.67 -4.19
N MET A 45 5.20 -8.54 -5.50
CA MET A 45 4.23 -7.74 -6.21
C MET A 45 4.13 -8.18 -7.66
N GLU A 46 3.01 -7.90 -8.29
CA GLU A 46 2.78 -8.33 -9.66
C GLU A 46 2.34 -7.17 -10.54
N GLY A 47 3.08 -6.94 -11.62
CA GLY A 47 2.69 -5.98 -12.63
C GLY A 47 2.61 -4.56 -12.11
N SER A 48 1.94 -3.71 -12.88
CA SER A 48 1.72 -2.32 -12.50
C SER A 48 0.42 -1.82 -13.13
N GLY A 49 -0.02 -0.64 -12.73
CA GLY A 49 -1.22 -0.08 -13.32
C GLY A 49 -2.48 -0.47 -12.56
N GLU A 50 -3.54 -0.77 -13.30
CA GLU A 50 -4.81 -1.13 -12.68
C GLU A 50 -4.83 -2.60 -12.29
N HIS A 51 -4.03 -3.40 -12.97
CA HIS A 51 -3.95 -4.82 -12.70
C HIS A 51 -2.71 -5.14 -11.89
N SER A 52 -2.36 -4.24 -11.00
CA SER A 52 -1.22 -4.40 -10.12
C SER A 52 -1.64 -5.09 -8.83
N ARG A 53 -0.85 -6.06 -8.39
CA ARG A 53 -1.15 -6.76 -7.14
C ARG A 53 0.07 -6.75 -6.25
N LEU A 54 -0.16 -6.68 -4.95
CA LEU A 54 0.93 -6.69 -3.98
C LEU A 54 0.75 -7.85 -3.01
N GLN A 55 1.79 -8.62 -2.80
CA GLN A 55 1.75 -9.69 -1.83
C GLN A 55 2.41 -9.23 -0.54
N VAL A 56 1.58 -9.01 0.46
CA VAL A 56 2.02 -8.42 1.71
C VAL A 56 2.06 -9.45 2.82
N ALA A 57 3.22 -9.56 3.47
CA ALA A 57 3.36 -10.45 4.60
C ALA A 57 2.96 -9.74 5.88
N PHE A 58 1.71 -9.92 6.29
CA PHE A 58 1.20 -9.29 7.49
C PHE A 58 1.74 -10.00 8.72
N GLN A 59 2.15 -9.20 9.69
CA GLN A 59 2.79 -9.71 10.91
C GLN A 59 1.79 -10.47 11.77
N GLY A 60 0.54 -10.06 11.71
CA GLY A 60 -0.50 -10.70 12.51
C GLY A 60 -1.01 -11.98 11.88
N GLN A 61 -1.13 -11.99 10.57
CA GLN A 61 -1.70 -13.14 9.86
C GLN A 61 -0.67 -13.84 8.99
N GLY A 62 -0.36 -13.24 7.85
CA GLY A 62 0.58 -13.86 6.93
C GLY A 62 0.58 -13.18 5.57
N ILE A 63 1.03 -13.90 4.55
CA ILE A 63 1.14 -13.34 3.21
C ILE A 63 -0.21 -13.29 2.52
N LYS A 64 -0.60 -12.10 2.09
CA LYS A 64 -1.87 -11.89 1.40
C LYS A 64 -1.67 -11.12 0.12
N TRP A 65 -2.71 -11.10 -0.69
CA TRP A 65 -2.70 -10.37 -1.96
C TRP A 65 -3.51 -9.09 -1.82
N LEU A 66 -2.95 -7.98 -2.26
CA LEU A 66 -3.64 -6.71 -2.26
C LEU A 66 -3.53 -6.06 -3.63
N VAL A 67 -4.63 -5.99 -4.36
CA VAL A 67 -4.65 -5.34 -5.65
C VAL A 67 -4.37 -3.85 -5.47
N ALA A 68 -3.20 -3.42 -5.90
CA ALA A 68 -2.67 -2.08 -5.61
C ALA A 68 -3.62 -0.97 -6.04
N ALA A 69 -4.33 -1.21 -7.13
CA ALA A 69 -5.28 -0.23 -7.65
C ALA A 69 -6.44 0.02 -6.68
N TYR A 70 -6.67 -0.92 -5.77
CA TYR A 70 -7.74 -0.81 -4.80
C TYR A 70 -7.22 -1.10 -3.39
N ALA A 71 -5.91 -1.08 -3.25
CA ALA A 71 -5.28 -1.47 -2.00
C ALA A 71 -5.21 -0.31 -1.02
N ARG A 72 -4.53 0.77 -1.42
CA ARG A 72 -4.37 1.96 -0.58
C ARG A 72 -3.68 1.60 0.73
N LEU A 73 -2.37 1.43 0.66
CA LEU A 73 -1.58 1.11 1.83
C LEU A 73 -0.82 2.33 2.34
N GLU A 74 -0.95 2.60 3.63
CA GLU A 74 -0.22 3.68 4.27
C GLU A 74 1.15 3.16 4.72
N SER A 75 2.20 3.83 4.29
CA SER A 75 3.56 3.42 4.65
C SER A 75 3.82 3.70 6.13
N VAL A 76 4.34 2.70 6.83
CA VAL A 76 4.70 2.86 8.23
C VAL A 76 6.00 3.63 8.36
N ARG A 1 22.84 -27.76 -24.78
CA ARG A 1 21.77 -27.97 -25.77
C ARG A 1 21.47 -26.68 -26.52
N LEU A 2 21.77 -26.67 -27.81
CA LEU A 2 21.57 -25.49 -28.64
C LEU A 2 20.10 -25.38 -29.05
N ARG A 3 19.47 -24.30 -28.63
CA ARG A 3 18.07 -24.03 -28.98
C ARG A 3 17.88 -22.55 -29.26
N ALA A 4 17.22 -22.23 -30.37
CA ALA A 4 16.98 -20.86 -30.74
C ALA A 4 16.10 -20.15 -29.72
N THR A 5 16.62 -19.08 -29.15
CA THR A 5 15.91 -18.33 -28.12
C THR A 5 14.88 -17.39 -28.74
N VAL A 6 13.81 -17.97 -29.26
CA VAL A 6 12.73 -17.19 -29.87
C VAL A 6 11.77 -16.68 -28.80
N SER A 7 11.92 -17.18 -27.59
CA SER A 7 11.10 -16.75 -26.47
C SER A 7 11.66 -15.44 -25.91
N ARG A 8 10.90 -14.81 -25.01
CA ARG A 8 11.30 -13.54 -24.41
C ARG A 8 11.47 -12.46 -25.49
N PRO A 9 10.36 -11.87 -25.95
CA PRO A 9 10.38 -10.89 -27.02
C PRO A 9 10.86 -9.51 -26.56
N VAL A 10 12.14 -9.24 -26.79
CA VAL A 10 12.75 -7.95 -26.42
C VAL A 10 12.69 -7.75 -24.89
N SER A 11 12.83 -8.86 -24.17
CA SER A 11 12.79 -8.87 -22.71
C SER A 11 11.43 -8.39 -22.18
N HIS A 12 11.27 -7.08 -22.08
CA HIS A 12 10.03 -6.48 -21.61
C HIS A 12 9.70 -5.27 -22.47
N GLN A 13 8.77 -5.43 -23.38
CA GLN A 13 8.41 -4.36 -24.30
C GLN A 13 7.05 -3.79 -23.97
N ARG A 14 6.63 -2.78 -24.75
CA ARG A 14 5.33 -2.14 -24.57
C ARG A 14 5.20 -1.58 -23.15
N MET A 15 5.90 -0.48 -22.89
CA MET A 15 5.82 0.17 -21.59
C MET A 15 4.63 1.12 -21.57
N GLY A 16 4.15 1.42 -20.37
CA GLY A 16 3.01 2.31 -20.25
C GLY A 16 2.73 2.66 -18.81
N THR A 17 3.34 3.73 -18.34
CA THR A 17 3.16 4.20 -16.98
C THR A 17 1.85 4.99 -16.85
N PRO A 18 0.94 4.52 -15.99
CA PRO A 18 -0.34 5.18 -15.73
C PRO A 18 -0.16 6.56 -15.11
N MET A 19 -0.60 7.59 -15.84
CA MET A 19 -0.47 8.98 -15.40
C MET A 19 0.99 9.40 -15.35
N VAL A 20 1.26 10.63 -14.90
CA VAL A 20 2.63 11.08 -14.77
C VAL A 20 3.30 10.39 -13.57
N GLU A 21 2.53 10.19 -12.52
CA GLU A 21 3.01 9.45 -11.36
C GLU A 21 1.83 8.86 -10.58
N ASN A 22 1.13 9.72 -9.83
CA ASN A 22 0.01 9.29 -9.00
C ASN A 22 0.47 8.18 -8.05
N ASP A 23 1.67 8.37 -7.49
CA ASP A 23 2.35 7.37 -6.68
C ASP A 23 2.76 6.16 -7.51
N SER A 24 3.96 5.68 -7.28
CA SER A 24 4.48 4.52 -8.01
C SER A 24 3.94 3.23 -7.39
N GLY A 25 2.70 3.27 -6.95
CA GLY A 25 2.10 2.16 -6.26
C GLY A 25 2.56 2.13 -4.82
N TYR A 26 3.33 1.11 -4.48
CA TYR A 26 3.84 0.96 -3.14
C TYR A 26 5.29 0.50 -3.20
N LYS A 27 6.03 0.72 -2.12
CA LYS A 27 7.44 0.38 -2.10
C LYS A 27 7.64 -0.93 -1.36
N LEU A 28 8.59 -1.73 -1.84
CA LEU A 28 8.88 -3.03 -1.24
C LEU A 28 9.78 -2.86 -0.03
N GLY A 29 9.46 -3.60 1.03
CA GLY A 29 10.15 -3.43 2.29
C GLY A 29 9.49 -2.36 3.13
N GLN A 30 8.29 -1.97 2.71
CA GLN A 30 7.53 -0.94 3.40
C GLN A 30 6.54 -1.58 4.37
N ARG A 31 6.35 -0.93 5.51
CA ARG A 31 5.44 -1.40 6.53
C ARG A 31 4.09 -0.69 6.41
N VAL A 32 3.04 -1.46 6.27
CA VAL A 32 1.70 -0.90 6.08
C VAL A 32 0.81 -1.27 7.25
N ARG A 33 -0.29 -0.55 7.39
CA ARG A 33 -1.23 -0.83 8.45
C ARG A 33 -2.66 -0.79 7.93
N HIS A 34 -3.42 -1.82 8.26
CA HIS A 34 -4.85 -1.89 7.93
C HIS A 34 -5.60 -2.53 9.09
N ALA A 35 -6.84 -2.10 9.30
CA ALA A 35 -7.57 -2.45 10.51
C ALA A 35 -8.11 -3.89 10.45
N LYS A 36 -8.32 -4.39 9.25
CA LYS A 36 -8.90 -5.72 9.08
C LYS A 36 -7.83 -6.80 9.06
N PHE A 37 -6.69 -6.52 8.45
CA PHE A 37 -5.63 -7.51 8.30
C PHE A 37 -4.45 -7.23 9.22
N GLY A 38 -4.44 -6.05 9.83
CA GLY A 38 -3.34 -5.68 10.69
C GLY A 38 -2.24 -4.96 9.92
N GLU A 39 -1.04 -5.00 10.45
CA GLU A 39 0.10 -4.36 9.80
C GLU A 39 0.96 -5.41 9.12
N GLY A 40 1.52 -5.05 8.00
CA GLY A 40 2.33 -6.00 7.25
C GLY A 40 3.44 -5.34 6.48
N THR A 41 4.33 -6.14 5.92
CA THR A 41 5.42 -5.63 5.14
C THR A 41 5.27 -6.06 3.68
N ILE A 42 5.27 -5.08 2.78
CA ILE A 42 5.13 -5.36 1.36
C ILE A 42 6.42 -5.96 0.82
N VAL A 43 6.41 -7.26 0.58
CA VAL A 43 7.60 -7.96 0.15
C VAL A 43 7.69 -8.04 -1.37
N ASN A 44 6.55 -7.99 -2.03
CA ASN A 44 6.51 -8.08 -3.50
C ASN A 44 5.28 -7.34 -4.02
N MET A 45 5.29 -7.05 -5.31
CA MET A 45 4.16 -6.39 -5.95
C MET A 45 4.12 -6.79 -7.42
N GLU A 46 2.99 -6.55 -8.06
CA GLU A 46 2.81 -6.89 -9.47
C GLU A 46 1.90 -5.87 -10.15
N GLY A 47 2.06 -5.74 -11.46
CA GLY A 47 1.21 -4.83 -12.21
C GLY A 47 1.62 -3.39 -12.07
N SER A 48 0.70 -2.49 -12.36
CA SER A 48 0.97 -1.06 -12.27
C SER A 48 -0.34 -0.27 -12.22
N GLY A 49 -0.32 0.87 -11.53
CA GLY A 49 -1.47 1.75 -11.48
C GLY A 49 -2.67 1.13 -10.82
N GLU A 50 -3.80 1.18 -11.52
CA GLU A 50 -5.07 0.71 -10.98
C GLU A 50 -5.19 -0.80 -11.08
N HIS A 51 -4.35 -1.41 -11.89
CA HIS A 51 -4.36 -2.86 -12.03
C HIS A 51 -3.12 -3.46 -11.40
N SER A 52 -2.67 -2.85 -10.31
CA SER A 52 -1.51 -3.35 -9.58
C SER A 52 -1.95 -4.11 -8.34
N ARG A 53 -1.19 -5.14 -7.99
CA ARG A 53 -1.44 -5.89 -6.78
C ARG A 53 -0.18 -5.93 -5.93
N LEU A 54 -0.36 -6.04 -4.64
CA LEU A 54 0.75 -6.12 -3.72
C LEU A 54 0.71 -7.44 -2.98
N GLN A 55 1.88 -7.98 -2.68
CA GLN A 55 1.95 -9.13 -1.80
C GLN A 55 2.52 -8.69 -0.47
N VAL A 56 1.62 -8.50 0.47
CA VAL A 56 1.95 -7.96 1.77
C VAL A 56 2.05 -9.06 2.80
N ALA A 57 3.21 -9.15 3.43
CA ALA A 57 3.42 -10.13 4.49
C ALA A 57 2.93 -9.57 5.81
N PHE A 58 1.69 -9.87 6.16
CA PHE A 58 1.13 -9.42 7.42
C PHE A 58 1.72 -10.21 8.57
N GLN A 59 2.24 -9.49 9.55
CA GLN A 59 3.04 -10.09 10.61
C GLN A 59 2.25 -11.09 11.45
N GLY A 60 0.94 -10.91 11.51
CA GLY A 60 0.11 -11.78 12.31
C GLY A 60 -0.51 -12.91 11.50
N GLN A 61 -0.36 -12.88 10.18
CA GLN A 61 -0.94 -13.89 9.32
C GLN A 61 0.06 -14.38 8.27
N GLY A 62 0.24 -13.60 7.22
CA GLY A 62 1.15 -14.00 6.16
C GLY A 62 1.01 -13.13 4.94
N ILE A 63 1.56 -13.59 3.83
CA ILE A 63 1.55 -12.85 2.58
C ILE A 63 0.17 -12.90 1.93
N LYS A 64 -0.37 -11.74 1.61
CA LYS A 64 -1.66 -11.63 0.97
C LYS A 64 -1.58 -10.80 -0.29
N TRP A 65 -2.55 -10.99 -1.17
CA TRP A 65 -2.62 -10.24 -2.42
C TRP A 65 -3.61 -9.08 -2.29
N LEU A 66 -3.08 -7.87 -2.32
CA LEU A 66 -3.90 -6.67 -2.17
C LEU A 66 -3.83 -5.82 -3.42
N VAL A 67 -4.95 -5.67 -4.11
CA VAL A 67 -5.02 -4.78 -5.26
C VAL A 67 -4.76 -3.35 -4.81
N ALA A 68 -3.56 -2.85 -5.12
CA ALA A 68 -3.04 -1.61 -4.53
C ALA A 68 -4.04 -0.46 -4.58
N ALA A 69 -4.66 -0.25 -5.74
CA ALA A 69 -5.57 0.87 -5.94
C ALA A 69 -6.80 0.78 -5.04
N TYR A 70 -7.19 -0.44 -4.69
CA TYR A 70 -8.37 -0.64 -3.86
C TYR A 70 -7.98 -1.15 -2.48
N ALA A 71 -6.70 -1.26 -2.26
CA ALA A 71 -6.17 -1.68 -0.97
C ALA A 71 -6.08 -0.47 -0.06
N ARG A 72 -5.45 0.58 -0.56
CA ARG A 72 -5.28 1.82 0.19
C ARG A 72 -4.69 1.55 1.57
N LEU A 73 -3.44 1.11 1.58
CA LEU A 73 -2.72 0.85 2.82
C LEU A 73 -2.08 2.14 3.31
N GLU A 74 -1.89 2.25 4.61
CA GLU A 74 -1.24 3.40 5.19
C GLU A 74 0.09 3.00 5.81
N SER A 75 1.14 3.71 5.44
CA SER A 75 2.46 3.47 6.02
C SER A 75 2.45 3.84 7.50
N VAL A 76 2.81 2.88 8.34
CA VAL A 76 2.79 3.11 9.78
C VAL A 76 4.21 3.27 10.33
N ARG A 1 -20.23 -9.38 11.27
CA ARG A 1 -20.25 -10.45 10.25
C ARG A 1 -19.62 -9.97 8.94
N LEU A 2 -19.17 -8.72 8.92
CA LEU A 2 -18.52 -8.12 7.75
C LEU A 2 -19.49 -8.07 6.56
N ARG A 3 -20.78 -8.00 6.84
CA ARG A 3 -21.80 -7.99 5.80
C ARG A 3 -21.86 -6.62 5.13
N ALA A 4 -21.10 -6.47 4.04
CA ALA A 4 -21.04 -5.24 3.26
C ALA A 4 -20.44 -4.08 4.05
N THR A 5 -21.25 -3.46 4.90
CA THR A 5 -20.80 -2.32 5.68
C THR A 5 -19.95 -2.78 6.87
N VAL A 6 -18.65 -2.56 6.77
CA VAL A 6 -17.72 -2.95 7.82
C VAL A 6 -16.37 -2.27 7.62
N SER A 7 -15.96 -2.14 6.36
CA SER A 7 -14.71 -1.50 6.04
C SER A 7 -14.89 0.01 6.08
N ARG A 8 -16.01 0.46 5.53
CA ARG A 8 -16.41 1.86 5.62
C ARG A 8 -17.92 1.95 5.81
N PRO A 9 -18.36 2.30 7.02
CA PRO A 9 -19.78 2.55 7.32
C PRO A 9 -20.31 3.71 6.49
N VAL A 10 -20.85 3.39 5.31
CA VAL A 10 -21.31 4.38 4.34
C VAL A 10 -20.12 5.08 3.68
N SER A 11 -20.04 4.97 2.37
CA SER A 11 -18.93 5.53 1.61
C SER A 11 -19.04 7.05 1.53
N HIS A 12 -18.48 7.73 2.51
CA HIS A 12 -18.48 9.18 2.53
C HIS A 12 -17.35 9.73 1.67
N GLN A 13 -17.70 10.46 0.63
CA GLN A 13 -16.70 11.09 -0.22
C GLN A 13 -16.60 12.58 0.09
N ARG A 14 -15.46 12.98 0.62
CA ARG A 14 -15.27 14.37 1.04
C ARG A 14 -14.74 15.23 -0.10
N MET A 15 -14.04 14.58 -1.04
CA MET A 15 -13.48 15.23 -2.23
C MET A 15 -12.42 16.26 -1.84
N GLY A 16 -11.79 16.05 -0.69
CA GLY A 16 -10.80 16.99 -0.20
C GLY A 16 -9.57 16.29 0.31
N THR A 17 -9.03 15.37 -0.48
CA THR A 17 -7.83 14.63 -0.11
C THR A 17 -6.60 15.51 -0.36
N PRO A 18 -5.80 15.76 0.69
CA PRO A 18 -4.60 16.60 0.60
C PRO A 18 -3.51 15.95 -0.25
N MET A 19 -3.36 14.65 -0.10
CA MET A 19 -2.39 13.88 -0.90
C MET A 19 -2.85 12.45 -1.04
N VAL A 20 -2.62 11.89 -2.20
CA VAL A 20 -3.03 10.53 -2.49
C VAL A 20 -1.82 9.60 -2.55
N GLU A 21 -2.05 8.32 -2.33
CA GLU A 21 -0.98 7.33 -2.34
C GLU A 21 -1.28 6.22 -3.34
N ASN A 22 -2.16 6.50 -4.30
CA ASN A 22 -2.57 5.49 -5.27
C ASN A 22 -1.46 5.18 -6.26
N ASP A 23 -0.56 6.14 -6.46
CA ASP A 23 0.56 5.96 -7.37
C ASP A 23 1.87 6.21 -6.62
N SER A 24 1.81 6.04 -5.30
CA SER A 24 2.95 6.34 -4.43
C SER A 24 4.22 5.61 -4.87
N GLY A 25 4.06 4.35 -5.24
CA GLY A 25 5.19 3.58 -5.71
C GLY A 25 5.61 2.54 -4.70
N TYR A 26 4.85 1.46 -4.63
CA TYR A 26 5.12 0.40 -3.68
C TYR A 26 6.36 -0.38 -4.09
N LYS A 27 7.13 -0.80 -3.09
CA LYS A 27 8.41 -1.45 -3.33
C LYS A 27 8.55 -2.68 -2.46
N LEU A 28 9.48 -3.56 -2.81
CA LEU A 28 9.71 -4.77 -2.03
C LEU A 28 10.52 -4.45 -0.79
N GLY A 29 10.08 -5.00 0.33
CA GLY A 29 10.72 -4.71 1.60
C GLY A 29 10.11 -3.49 2.26
N GLN A 30 9.13 -2.90 1.59
CA GLN A 30 8.46 -1.71 2.09
C GLN A 30 7.37 -2.10 3.07
N ARG A 31 7.14 -1.23 4.04
CA ARG A 31 6.11 -1.47 5.05
C ARG A 31 4.88 -0.64 4.76
N VAL A 32 3.73 -1.28 4.81
CA VAL A 32 2.47 -0.64 4.51
C VAL A 32 1.57 -0.64 5.72
N ARG A 33 0.67 0.33 5.80
CA ARG A 33 -0.26 0.43 6.91
C ARG A 33 -1.69 0.51 6.39
N HIS A 34 -2.55 -0.33 6.94
CA HIS A 34 -3.96 -0.33 6.59
C HIS A 34 -4.79 -0.57 7.84
N ALA A 35 -5.67 0.36 8.17
CA ALA A 35 -6.45 0.28 9.41
C ALA A 35 -7.29 -1.00 9.48
N LYS A 36 -7.49 -1.62 8.34
CA LYS A 36 -8.32 -2.83 8.26
C LYS A 36 -7.50 -4.10 8.43
N PHE A 37 -6.28 -4.11 7.92
CA PHE A 37 -5.46 -5.32 7.92
C PHE A 37 -4.25 -5.18 8.84
N GLY A 38 -3.98 -3.97 9.28
CA GLY A 38 -2.78 -3.71 10.05
C GLY A 38 -1.64 -3.25 9.17
N GLU A 39 -0.42 -3.45 9.63
CA GLU A 39 0.76 -3.10 8.85
C GLU A 39 1.46 -4.37 8.40
N GLY A 40 2.08 -4.32 7.24
CA GLY A 40 2.73 -5.49 6.71
C GLY A 40 3.91 -5.15 5.82
N THR A 41 4.64 -6.16 5.40
CA THR A 41 5.80 -5.96 4.54
C THR A 41 5.54 -6.51 3.14
N ILE A 42 5.73 -5.67 2.13
CA ILE A 42 5.55 -6.10 0.76
C ILE A 42 6.73 -6.97 0.33
N VAL A 43 6.48 -8.27 0.20
CA VAL A 43 7.54 -9.20 -0.16
C VAL A 43 7.58 -9.43 -1.67
N ASN A 44 6.43 -9.36 -2.29
CA ASN A 44 6.32 -9.57 -3.73
C ASN A 44 5.28 -8.62 -4.33
N MET A 45 5.36 -8.40 -5.63
CA MET A 45 4.42 -7.54 -6.32
C MET A 45 4.21 -8.01 -7.75
N GLU A 46 2.98 -7.91 -8.22
CA GLU A 46 2.62 -8.40 -9.53
C GLU A 46 2.23 -7.25 -10.45
N GLY A 47 2.90 -7.14 -11.58
CA GLY A 47 2.53 -6.14 -12.58
C GLY A 47 3.13 -4.79 -12.32
N SER A 48 2.43 -3.75 -12.78
CA SER A 48 2.85 -2.36 -12.62
C SER A 48 1.75 -1.43 -13.12
N GLY A 49 1.32 -0.50 -12.28
CA GLY A 49 0.22 0.37 -12.63
C GLY A 49 -1.01 0.09 -11.77
N GLU A 50 -2.18 0.20 -12.38
CA GLU A 50 -3.44 0.00 -11.66
C GLU A 50 -3.67 -1.47 -11.35
N HIS A 51 -3.50 -2.32 -12.36
CA HIS A 51 -3.81 -3.74 -12.24
C HIS A 51 -2.68 -4.52 -11.58
N SER A 52 -2.05 -3.90 -10.59
CA SER A 52 -0.96 -4.52 -9.88
C SER A 52 -1.46 -5.12 -8.58
N ARG A 53 -0.90 -6.25 -8.19
CA ARG A 53 -1.23 -6.86 -6.92
C ARG A 53 0.00 -6.92 -6.05
N LEU A 54 -0.14 -6.57 -4.79
CA LEU A 54 0.98 -6.61 -3.87
C LEU A 54 0.81 -7.76 -2.90
N GLN A 55 1.85 -8.54 -2.74
CA GLN A 55 1.86 -9.60 -1.75
C GLN A 55 2.46 -9.09 -0.47
N VAL A 56 1.59 -8.78 0.47
CA VAL A 56 2.00 -8.18 1.73
C VAL A 56 2.02 -9.23 2.83
N ALA A 57 3.16 -9.38 3.48
CA ALA A 57 3.30 -10.31 4.58
C ALA A 57 2.90 -9.65 5.90
N PHE A 58 1.70 -9.94 6.36
CA PHE A 58 1.24 -9.42 7.64
C PHE A 58 1.65 -10.36 8.75
N GLN A 59 2.43 -9.84 9.69
CA GLN A 59 3.00 -10.65 10.76
C GLN A 59 1.93 -11.09 11.75
N GLY A 60 0.75 -10.50 11.63
CA GLY A 60 -0.34 -10.83 12.53
C GLY A 60 -1.18 -12.00 12.05
N GLN A 61 -1.02 -12.40 10.78
CA GLN A 61 -1.82 -13.48 10.23
C GLN A 61 -1.08 -14.25 9.14
N GLY A 62 -0.61 -13.55 8.13
CA GLY A 62 0.09 -14.21 7.04
C GLY A 62 0.21 -13.33 5.81
N ILE A 63 0.61 -13.92 4.70
CA ILE A 63 0.75 -13.19 3.45
C ILE A 63 -0.60 -12.96 2.81
N LYS A 64 -0.79 -11.79 2.21
CA LYS A 64 -2.02 -11.45 1.53
C LYS A 64 -1.75 -10.86 0.16
N TRP A 65 -2.78 -10.87 -0.67
CA TRP A 65 -2.72 -10.25 -1.98
C TRP A 65 -3.60 -8.99 -1.98
N LEU A 66 -2.98 -7.86 -2.23
CA LEU A 66 -3.69 -6.59 -2.25
C LEU A 66 -3.59 -5.94 -3.62
N VAL A 67 -4.72 -5.81 -4.30
CA VAL A 67 -4.74 -5.11 -5.59
C VAL A 67 -4.43 -3.63 -5.35
N ALA A 68 -3.25 -3.21 -5.79
CA ALA A 68 -2.68 -1.90 -5.44
C ALA A 68 -3.69 -0.75 -5.56
N ALA A 69 -4.39 -0.69 -6.69
CA ALA A 69 -5.32 0.41 -6.95
C ALA A 69 -6.51 0.42 -5.99
N TYR A 70 -6.93 -0.75 -5.55
CA TYR A 70 -8.08 -0.87 -4.66
C TYR A 70 -7.65 -0.98 -3.22
N ALA A 71 -6.41 -1.38 -3.02
CA ALA A 71 -5.85 -1.54 -1.69
C ALA A 71 -5.60 -0.19 -1.04
N ARG A 72 -4.84 0.66 -1.74
CA ARG A 72 -4.51 2.00 -1.26
C ARG A 72 -3.81 1.91 0.11
N LEU A 73 -2.54 1.55 0.08
CA LEU A 73 -1.75 1.40 1.29
C LEU A 73 -0.92 2.65 1.55
N GLU A 74 -0.80 3.00 2.81
CA GLU A 74 0.04 4.11 3.23
C GLU A 74 1.33 3.55 3.80
N SER A 75 2.46 4.07 3.35
CA SER A 75 3.75 3.55 3.78
C SER A 75 4.01 3.95 5.23
N VAL A 76 4.39 2.96 6.04
CA VAL A 76 4.66 3.18 7.45
C VAL A 76 5.86 4.09 7.64
N ARG A 1 16.73 12.30 18.57
CA ARG A 1 17.54 12.34 17.33
C ARG A 1 16.94 13.36 16.36
N LEU A 2 17.78 14.02 15.58
CA LEU A 2 17.31 15.01 14.62
C LEU A 2 17.32 14.45 13.20
N ARG A 3 16.20 13.84 12.82
CA ARG A 3 16.01 13.29 11.47
C ARG A 3 17.01 12.18 11.17
N ALA A 4 16.57 10.95 11.33
CA ALA A 4 17.43 9.79 11.07
C ALA A 4 17.61 9.56 9.58
N THR A 5 16.74 10.23 8.80
CA THR A 5 16.75 10.19 7.34
C THR A 5 16.76 8.76 6.79
N VAL A 6 16.00 7.89 7.43
CA VAL A 6 15.90 6.50 7.00
C VAL A 6 14.98 6.40 5.79
N SER A 7 15.51 6.81 4.65
CA SER A 7 14.79 6.80 3.39
C SER A 7 15.77 6.62 2.26
N ARG A 8 16.73 7.54 2.18
CA ARG A 8 17.83 7.48 1.23
C ARG A 8 17.33 7.39 -0.21
N PRO A 9 16.85 8.51 -0.77
CA PRO A 9 16.40 8.57 -2.17
C PRO A 9 17.59 8.58 -3.12
N VAL A 10 18.17 7.42 -3.35
CA VAL A 10 19.34 7.27 -4.21
C VAL A 10 18.99 7.63 -5.65
N SER A 11 17.75 7.40 -6.03
CA SER A 11 17.29 7.68 -7.38
C SER A 11 16.47 8.97 -7.39
N HIS A 12 17.13 10.07 -7.73
CA HIS A 12 16.44 11.35 -7.82
C HIS A 12 15.89 11.54 -9.22
N GLN A 13 14.58 11.34 -9.37
CA GLN A 13 13.96 11.37 -10.69
C GLN A 13 12.72 12.26 -10.72
N ARG A 14 12.49 13.02 -9.66
CA ARG A 14 11.30 13.85 -9.57
C ARG A 14 11.51 15.16 -10.33
N MET A 15 12.76 15.47 -10.62
CA MET A 15 13.11 16.69 -11.35
C MET A 15 12.54 16.66 -12.76
N GLY A 16 12.88 15.63 -13.51
CA GLY A 16 12.44 15.54 -14.88
C GLY A 16 11.46 14.41 -15.09
N THR A 17 10.43 14.38 -14.25
CA THR A 17 9.41 13.36 -14.37
C THR A 17 8.20 13.92 -15.12
N PRO A 18 7.63 13.14 -16.07
CA PRO A 18 6.46 13.55 -16.86
C PRO A 18 5.25 13.87 -15.98
N MET A 19 5.16 13.17 -14.87
CA MET A 19 4.12 13.43 -13.88
C MET A 19 4.66 13.12 -12.50
N VAL A 20 4.26 13.91 -11.51
CA VAL A 20 4.75 13.72 -10.16
C VAL A 20 3.78 12.85 -9.36
N GLU A 21 4.32 11.77 -8.77
CA GLU A 21 3.53 10.83 -7.97
C GLU A 21 2.43 10.18 -8.81
N ASN A 22 2.83 9.29 -9.69
CA ASN A 22 1.87 8.53 -10.50
C ASN A 22 1.20 7.46 -9.65
N ASP A 23 -0.01 7.77 -9.19
CA ASP A 23 -0.75 6.89 -8.28
C ASP A 23 0.00 6.78 -6.95
N SER A 24 -0.31 5.79 -6.15
CA SER A 24 0.33 5.62 -4.86
C SER A 24 1.77 5.14 -5.02
N GLY A 25 2.00 4.29 -6.03
CA GLY A 25 3.34 3.80 -6.29
C GLY A 25 3.93 3.03 -5.13
N TYR A 26 3.47 1.79 -4.97
CA TYR A 26 3.91 0.95 -3.88
C TYR A 26 5.34 0.47 -4.11
N LYS A 27 6.05 0.23 -3.03
CA LYS A 27 7.44 -0.20 -3.09
C LYS A 27 7.64 -1.46 -2.26
N LEU A 28 8.67 -2.22 -2.59
CA LEU A 28 9.01 -3.41 -1.84
C LEU A 28 9.76 -3.03 -0.58
N GLY A 29 9.37 -3.62 0.53
CA GLY A 29 9.96 -3.27 1.81
C GLY A 29 9.22 -2.13 2.47
N GLN A 30 8.03 -1.85 1.98
CA GLN A 30 7.22 -0.77 2.53
C GLN A 30 6.25 -1.31 3.58
N ARG A 31 6.00 -0.52 4.62
CA ARG A 31 5.07 -0.91 5.67
C ARG A 31 3.68 -0.40 5.36
N VAL A 32 2.72 -1.30 5.33
CA VAL A 32 1.34 -0.92 5.01
C VAL A 32 0.43 -1.21 6.19
N ARG A 33 -0.67 -0.47 6.25
CA ARG A 33 -1.65 -0.66 7.29
C ARG A 33 -3.04 -0.76 6.68
N HIS A 34 -3.80 -1.75 7.09
CA HIS A 34 -5.17 -1.92 6.63
C HIS A 34 -5.99 -2.60 7.72
N ALA A 35 -6.95 -1.87 8.29
CA ALA A 35 -7.74 -2.33 9.45
C ALA A 35 -8.32 -3.73 9.26
N LYS A 36 -8.52 -4.14 8.03
CA LYS A 36 -9.17 -5.41 7.73
C LYS A 36 -8.22 -6.58 7.98
N PHE A 37 -6.94 -6.38 7.73
CA PHE A 37 -5.97 -7.46 7.81
C PHE A 37 -4.81 -7.12 8.74
N GLY A 38 -4.70 -5.85 9.10
CA GLY A 38 -3.62 -5.43 9.97
C GLY A 38 -2.55 -4.68 9.20
N GLU A 39 -1.33 -4.70 9.70
CA GLU A 39 -0.22 -4.05 9.05
C GLU A 39 0.79 -5.09 8.58
N GLY A 40 1.48 -4.81 7.48
CA GLY A 40 2.42 -5.77 6.97
C GLY A 40 3.49 -5.13 6.10
N THR A 41 4.37 -5.95 5.58
CA THR A 41 5.44 -5.48 4.74
C THR A 41 5.26 -6.01 3.31
N ILE A 42 5.25 -5.12 2.35
CA ILE A 42 5.14 -5.51 0.95
C ILE A 42 6.44 -6.18 0.50
N VAL A 43 6.41 -7.50 0.37
CA VAL A 43 7.59 -8.26 0.01
C VAL A 43 7.66 -8.49 -1.50
N ASN A 44 6.50 -8.44 -2.15
CA ASN A 44 6.43 -8.61 -3.58
C ASN A 44 5.24 -7.85 -4.13
N MET A 45 5.24 -7.60 -5.43
CA MET A 45 4.13 -6.89 -6.07
C MET A 45 4.10 -7.21 -7.56
N GLU A 46 2.94 -7.03 -8.17
CA GLU A 46 2.78 -7.31 -9.58
C GLU A 46 2.22 -6.08 -10.28
N GLY A 47 2.94 -5.58 -11.28
CA GLY A 47 2.53 -4.37 -11.97
C GLY A 47 2.77 -3.12 -11.14
N SER A 48 2.22 -2.01 -11.61
CA SER A 48 2.32 -0.73 -10.89
C SER A 48 1.16 0.18 -11.28
N GLY A 49 0.11 0.18 -10.47
CA GLY A 49 -1.04 1.00 -10.75
C GLY A 49 -2.32 0.45 -10.17
N GLU A 50 -3.35 0.35 -10.99
CA GLU A 50 -4.69 -0.05 -10.54
C GLU A 50 -4.85 -1.57 -10.46
N HIS A 51 -4.65 -2.25 -11.59
CA HIS A 51 -4.89 -3.69 -11.67
C HIS A 51 -3.67 -4.48 -11.16
N SER A 52 -2.86 -3.80 -10.38
CA SER A 52 -1.67 -4.38 -9.81
C SER A 52 -2.00 -5.13 -8.53
N ARG A 53 -1.20 -6.12 -8.21
CA ARG A 53 -1.39 -6.87 -6.97
C ARG A 53 -0.18 -6.68 -6.07
N LEU A 54 -0.42 -6.64 -4.77
CA LEU A 54 0.65 -6.50 -3.79
C LEU A 54 0.68 -7.73 -2.90
N GLN A 55 1.86 -8.24 -2.65
CA GLN A 55 2.01 -9.34 -1.70
C GLN A 55 2.56 -8.81 -0.40
N VAL A 56 1.68 -8.75 0.58
CA VAL A 56 2.01 -8.15 1.86
C VAL A 56 2.21 -9.24 2.91
N ALA A 57 3.35 -9.21 3.55
CA ALA A 57 3.64 -10.11 4.65
C ALA A 57 3.13 -9.53 5.95
N PHE A 58 1.91 -9.89 6.33
CA PHE A 58 1.31 -9.39 7.56
C PHE A 58 1.91 -10.09 8.76
N GLN A 59 2.28 -9.30 9.75
CA GLN A 59 2.96 -9.80 10.94
C GLN A 59 2.02 -10.67 11.79
N GLY A 60 0.73 -10.43 11.66
CA GLY A 60 -0.24 -11.17 12.46
C GLY A 60 -0.73 -12.43 11.78
N GLN A 61 -0.22 -12.73 10.59
CA GLN A 61 -0.59 -13.95 9.90
C GLN A 61 0.47 -14.38 8.89
N GLY A 62 0.48 -13.76 7.72
CA GLY A 62 1.44 -14.13 6.70
C GLY A 62 1.28 -13.30 5.44
N ILE A 63 1.76 -13.85 4.32
CA ILE A 63 1.72 -13.14 3.05
C ILE A 63 0.35 -13.26 2.40
N LYS A 64 -0.14 -12.14 1.87
CA LYS A 64 -1.42 -12.10 1.19
C LYS A 64 -1.31 -11.29 -0.09
N TRP A 65 -2.26 -11.53 -1.00
CA TRP A 65 -2.32 -10.79 -2.25
C TRP A 65 -3.40 -9.72 -2.16
N LEU A 66 -3.01 -8.48 -2.34
CA LEU A 66 -3.95 -7.37 -2.30
C LEU A 66 -3.99 -6.66 -3.65
N VAL A 67 -5.13 -6.74 -4.33
CA VAL A 67 -5.31 -6.03 -5.59
C VAL A 67 -5.31 -4.52 -5.32
N ALA A 68 -4.26 -3.85 -5.77
CA ALA A 68 -3.97 -2.46 -5.43
C ALA A 68 -5.20 -1.55 -5.42
N ALA A 69 -6.03 -1.63 -6.46
CA ALA A 69 -7.20 -0.78 -6.60
C ALA A 69 -8.19 -0.96 -5.44
N TYR A 70 -8.32 -2.19 -4.95
CA TYR A 70 -9.23 -2.49 -3.85
C TYR A 70 -8.46 -2.58 -2.54
N ALA A 71 -7.14 -2.66 -2.66
CA ALA A 71 -6.26 -2.76 -1.52
C ALA A 71 -6.22 -1.44 -0.76
N ARG A 72 -5.80 -0.38 -1.46
CA ARG A 72 -5.74 0.97 -0.89
C ARG A 72 -5.01 0.96 0.46
N LEU A 73 -3.73 0.68 0.43
CA LEU A 73 -2.94 0.56 1.65
C LEU A 73 -2.38 1.91 2.08
N GLU A 74 -2.41 2.15 3.38
CA GLU A 74 -1.80 3.34 3.96
C GLU A 74 -0.45 2.97 4.56
N SER A 75 0.56 3.77 4.31
CA SER A 75 1.91 3.44 4.76
C SER A 75 2.06 3.74 6.24
N VAL A 76 2.65 2.80 6.98
CA VAL A 76 2.85 2.96 8.42
C VAL A 76 4.01 3.90 8.69
N ARG A 1 -20.04 -6.27 5.76
CA ARG A 1 -19.00 -6.00 4.75
C ARG A 1 -17.63 -6.46 5.26
N LEU A 2 -17.19 -5.87 6.36
CA LEU A 2 -15.92 -6.22 6.96
C LEU A 2 -16.07 -7.45 7.84
N ARG A 3 -15.18 -8.42 7.66
CA ARG A 3 -15.20 -9.64 8.45
C ARG A 3 -14.38 -9.48 9.72
N ALA A 4 -14.51 -8.31 10.34
CA ALA A 4 -13.78 -8.00 11.56
C ALA A 4 -14.51 -6.93 12.35
N THR A 5 -15.68 -7.28 12.87
CA THR A 5 -16.53 -6.32 13.56
C THR A 5 -16.02 -6.02 14.97
N VAL A 6 -15.01 -6.78 15.41
CA VAL A 6 -14.39 -6.54 16.71
C VAL A 6 -13.63 -5.21 16.69
N SER A 7 -13.19 -4.82 15.50
CA SER A 7 -12.45 -3.60 15.34
C SER A 7 -13.30 -2.54 14.65
N ARG A 8 -13.14 -1.29 15.07
CA ARG A 8 -13.87 -0.20 14.47
C ARG A 8 -13.06 0.40 13.33
N PRO A 9 -13.53 0.21 12.09
CA PRO A 9 -12.80 0.66 10.89
C PRO A 9 -12.90 2.16 10.67
N VAL A 10 -12.18 2.91 11.49
CA VAL A 10 -12.12 4.37 11.35
C VAL A 10 -11.18 4.75 10.20
N SER A 11 -11.42 4.16 9.04
CA SER A 11 -10.61 4.39 7.87
C SER A 11 -11.08 5.64 7.14
N HIS A 12 -10.20 6.63 7.07
CA HIS A 12 -10.50 7.85 6.34
C HIS A 12 -9.78 7.84 5.01
N GLN A 13 -10.55 7.95 3.93
CA GLN A 13 -10.01 7.83 2.59
C GLN A 13 -9.26 9.09 2.19
N ARG A 14 -9.68 10.21 2.78
CA ARG A 14 -9.12 11.53 2.49
C ARG A 14 -9.44 11.93 1.05
N MET A 15 -8.65 11.42 0.10
CA MET A 15 -8.90 11.64 -1.32
C MET A 15 -8.99 13.12 -1.64
N GLY A 16 -7.85 13.78 -1.65
CA GLY A 16 -7.81 15.21 -1.93
C GLY A 16 -6.46 15.66 -2.44
N THR A 17 -5.41 15.17 -1.81
CA THR A 17 -4.06 15.51 -2.22
C THR A 17 -3.62 14.63 -3.39
N PRO A 18 -3.01 15.24 -4.42
CA PRO A 18 -2.50 14.50 -5.58
C PRO A 18 -1.21 13.74 -5.25
N MET A 19 -1.32 12.42 -5.16
CA MET A 19 -0.19 11.59 -4.81
C MET A 19 0.67 11.31 -6.03
N VAL A 20 1.97 11.57 -5.91
CA VAL A 20 2.91 11.35 -7.00
C VAL A 20 3.25 9.87 -7.11
N GLU A 21 2.90 9.28 -8.24
CA GLU A 21 3.16 7.87 -8.47
C GLU A 21 4.22 7.68 -9.55
N ASN A 22 5.46 8.00 -9.19
CA ASN A 22 6.60 7.85 -10.09
C ASN A 22 7.57 6.85 -9.50
N ASP A 23 7.17 5.58 -9.52
CA ASP A 23 7.91 4.51 -8.84
C ASP A 23 8.01 4.81 -7.36
N SER A 24 7.02 5.52 -6.86
CA SER A 24 6.98 5.94 -5.48
C SER A 24 5.73 5.40 -4.79
N GLY A 25 5.05 4.48 -5.46
CA GLY A 25 3.82 3.93 -4.93
C GLY A 25 4.07 2.83 -3.92
N TYR A 26 4.15 1.61 -4.38
CA TYR A 26 4.38 0.48 -3.51
C TYR A 26 5.66 -0.25 -3.91
N LYS A 27 6.55 -0.39 -2.95
CA LYS A 27 7.88 -0.94 -3.19
C LYS A 27 8.09 -2.20 -2.36
N LEU A 28 9.09 -3.00 -2.73
CA LEU A 28 9.41 -4.21 -1.99
C LEU A 28 10.21 -3.85 -0.75
N GLY A 29 9.88 -4.49 0.35
CA GLY A 29 10.54 -4.20 1.60
C GLY A 29 9.87 -3.04 2.33
N GLN A 30 8.87 -2.47 1.69
CA GLN A 30 8.14 -1.35 2.25
C GLN A 30 7.11 -1.85 3.25
N ARG A 31 6.94 -1.11 4.33
CA ARG A 31 5.99 -1.48 5.35
C ARG A 31 4.72 -0.64 5.20
N VAL A 32 3.59 -1.31 5.26
CA VAL A 32 2.31 -0.67 5.04
C VAL A 32 1.41 -0.81 6.25
N ARG A 33 0.52 0.14 6.42
CA ARG A 33 -0.47 0.10 7.48
C ARG A 33 -1.86 0.20 6.87
N HIS A 34 -2.70 -0.77 7.16
CA HIS A 34 -4.05 -0.80 6.62
C HIS A 34 -5.06 -1.00 7.74
N ALA A 35 -5.98 -0.07 7.87
CA ALA A 35 -6.93 -0.01 9.00
C ALA A 35 -7.47 -1.38 9.41
N LYS A 36 -7.87 -2.16 8.42
CA LYS A 36 -8.63 -3.37 8.63
C LYS A 36 -7.75 -4.62 8.77
N PHE A 37 -6.58 -4.59 8.14
CA PHE A 37 -5.70 -5.76 8.15
C PHE A 37 -4.50 -5.56 9.06
N GLY A 38 -4.28 -4.34 9.49
CA GLY A 38 -3.10 -4.03 10.27
C GLY A 38 -1.95 -3.61 9.39
N GLU A 39 -0.72 -3.79 9.87
CA GLU A 39 0.45 -3.40 9.09
C GLU A 39 1.24 -4.64 8.66
N GLY A 40 1.94 -4.51 7.54
CA GLY A 40 2.74 -5.61 7.04
C GLY A 40 3.85 -5.13 6.14
N THR A 41 4.61 -6.05 5.58
CA THR A 41 5.72 -5.70 4.70
C THR A 41 5.50 -6.26 3.29
N ILE A 42 5.57 -5.39 2.30
CA ILE A 42 5.39 -5.81 0.92
C ILE A 42 6.61 -6.60 0.45
N VAL A 43 6.42 -7.90 0.24
CA VAL A 43 7.52 -8.77 -0.14
C VAL A 43 7.57 -8.99 -1.65
N ASN A 44 6.43 -8.89 -2.31
CA ASN A 44 6.36 -9.09 -3.74
C ASN A 44 5.24 -8.25 -4.34
N MET A 45 5.33 -7.98 -5.62
CA MET A 45 4.32 -7.22 -6.33
C MET A 45 4.28 -7.66 -7.79
N GLU A 46 3.09 -7.69 -8.35
CA GLU A 46 2.88 -8.20 -9.70
C GLU A 46 2.25 -7.14 -10.59
N GLY A 47 2.69 -7.07 -11.84
CA GLY A 47 2.11 -6.15 -12.79
C GLY A 47 2.40 -4.70 -12.45
N SER A 48 1.57 -3.79 -12.97
CA SER A 48 1.72 -2.38 -12.69
C SER A 48 0.38 -1.66 -12.84
N GLY A 49 0.08 -0.76 -11.91
CA GLY A 49 -1.13 0.03 -11.99
C GLY A 49 -2.34 -0.69 -11.46
N GLU A 50 -3.46 -0.54 -12.15
CA GLU A 50 -4.72 -1.15 -11.74
C GLU A 50 -4.63 -2.68 -11.74
N HIS A 51 -3.90 -3.22 -12.72
CA HIS A 51 -3.76 -4.66 -12.86
C HIS A 51 -2.60 -5.18 -12.00
N SER A 52 -2.15 -4.36 -11.07
CA SER A 52 -1.05 -4.74 -10.19
C SER A 52 -1.59 -5.37 -8.92
N ARG A 53 -0.90 -6.38 -8.42
CA ARG A 53 -1.24 -7.00 -7.15
C ARG A 53 -0.04 -6.97 -6.24
N LEU A 54 -0.25 -6.58 -5.00
CA LEU A 54 0.84 -6.53 -4.02
C LEU A 54 0.68 -7.66 -3.02
N GLN A 55 1.75 -8.37 -2.74
CA GLN A 55 1.72 -9.39 -1.70
C GLN A 55 2.35 -8.86 -0.44
N VAL A 56 1.51 -8.56 0.54
CA VAL A 56 1.96 -7.98 1.78
C VAL A 56 2.08 -9.05 2.86
N ALA A 57 3.26 -9.16 3.43
CA ALA A 57 3.50 -10.08 4.53
C ALA A 57 3.06 -9.45 5.83
N PHE A 58 1.84 -9.75 6.23
CA PHE A 58 1.30 -9.25 7.48
C PHE A 58 1.88 -10.01 8.65
N GLN A 59 2.43 -9.29 9.60
CA GLN A 59 3.16 -9.87 10.72
C GLN A 59 2.25 -10.70 11.62
N GLY A 60 0.94 -10.48 11.52
CA GLY A 60 0.01 -11.23 12.32
C GLY A 60 -1.17 -11.73 11.52
N GLN A 61 -0.91 -12.19 10.30
CA GLN A 61 -1.97 -12.67 9.41
C GLN A 61 -1.39 -13.43 8.22
N GLY A 62 -0.14 -13.15 7.88
CA GLY A 62 0.50 -13.83 6.77
C GLY A 62 0.53 -12.98 5.52
N ILE A 63 0.89 -13.59 4.40
CA ILE A 63 0.98 -12.86 3.15
C ILE A 63 -0.35 -12.87 2.41
N LYS A 64 -0.93 -11.69 2.22
CA LYS A 64 -2.18 -11.55 1.47
C LYS A 64 -1.90 -10.89 0.12
N TRP A 65 -2.88 -10.99 -0.77
CA TRP A 65 -2.80 -10.35 -2.07
C TRP A 65 -3.70 -9.12 -2.11
N LEU A 66 -3.09 -7.97 -2.36
CA LEU A 66 -3.81 -6.71 -2.41
C LEU A 66 -3.74 -6.12 -3.81
N VAL A 67 -4.87 -6.13 -4.50
CA VAL A 67 -4.97 -5.49 -5.81
C VAL A 67 -4.70 -3.99 -5.66
N ALA A 68 -3.65 -3.52 -6.33
CA ALA A 68 -3.17 -2.14 -6.17
C ALA A 68 -4.25 -1.10 -6.40
N ALA A 69 -5.27 -1.44 -7.18
CA ALA A 69 -6.36 -0.52 -7.47
C ALA A 69 -7.25 -0.31 -6.24
N TYR A 70 -7.27 -1.30 -5.35
CA TYR A 70 -8.13 -1.25 -4.17
C TYR A 70 -7.32 -1.54 -2.91
N ALA A 71 -6.00 -1.45 -3.03
CA ALA A 71 -5.11 -1.80 -1.94
C ALA A 71 -5.18 -0.78 -0.82
N ARG A 72 -4.90 0.48 -1.15
CA ARG A 72 -5.03 1.58 -0.20
C ARG A 72 -4.17 1.34 1.04
N LEU A 73 -2.87 1.26 0.85
CA LEU A 73 -1.94 1.02 1.94
C LEU A 73 -1.24 2.32 2.33
N GLU A 74 -1.25 2.62 3.62
CA GLU A 74 -0.54 3.77 4.14
C GLU A 74 0.84 3.34 4.59
N SER A 75 1.87 3.84 3.93
CA SER A 75 3.24 3.46 4.24
C SER A 75 3.60 3.87 5.67
N VAL A 76 4.24 2.95 6.38
CA VAL A 76 4.63 3.19 7.76
C VAL A 76 5.95 3.96 7.80
#